data_2NPV
#
_entry.id   2NPV
#
_cell.length_a   1.000
_cell.length_b   1.000
_cell.length_c   1.000
_cell.angle_alpha   90.00
_cell.angle_beta   90.00
_cell.angle_gamma   90.00
#
_symmetry.space_group_name_H-M   'P 1'
#
loop_
_entity.id
_entity.type
_entity.pdbx_description
1 polymer ELLVDLL
2 non-polymer (R)-3-HYDROXYTETRADECANAL
#
_entity_poly.entity_id   1
_entity_poly.type   'polypeptide(L)'
_entity_poly.pdbx_seq_one_letter_code
;EL(DLE)VD(DLE)L
;
_entity_poly.pdbx_strand_id   A
#
loop_
_chem_comp.id
_chem_comp.type
_chem_comp.name
_chem_comp.formula
BFC non-polymer (R)-3-HYDROXYTETRADECANAL 'C14 H28 O2'
#
# COMPACT_ATOMS: atom_id res chain seq x y z
N GLU A 1 2.61 -2.55 -2.12
CA GLU A 1 3.05 -1.20 -1.91
C GLU A 1 2.12 -0.66 -0.86
N LEU A 2 2.25 -1.25 0.33
CA LEU A 2 1.50 -0.92 1.50
C LEU A 2 2.05 0.36 2.02
N DLE A 3 1.16 1.26 2.46
CA DLE A 3 1.49 2.63 2.73
CB DLE A 3 1.00 3.12 4.11
CG DLE A 3 1.57 2.33 5.32
CD1 DLE A 3 3.12 2.40 5.39
CD2 DLE A 3 0.94 2.80 6.64
C DLE A 3 0.79 3.41 1.65
O DLE A 3 0.12 4.40 1.93
H DLE A 3 0.19 1.04 2.52
HA DLE A 3 2.55 2.79 2.61
HB2 DLE A 3 1.26 4.19 4.23
HB3 DLE A 3 -0.11 3.06 4.15
HG DLE A 3 1.30 1.26 5.18
HD11 DLE A 3 3.57 1.95 4.48
HD12 DLE A 3 3.48 1.84 6.28
HD13 DLE A 3 3.46 3.45 5.47
HD21 DLE A 3 1.19 3.87 6.83
HD22 DLE A 3 1.32 2.20 7.49
HD23 DLE A 3 -0.16 2.69 6.59
N VAL A 4 0.93 2.96 0.39
CA VAL A 4 0.38 3.63 -0.75
C VAL A 4 -1.00 3.07 -0.97
N ASP A 5 -1.07 1.81 -1.41
CA ASP A 5 -2.32 1.25 -1.90
C ASP A 5 -2.98 0.49 -0.79
N DLE A 6 -2.20 -0.33 -0.06
CA DLE A 6 -2.74 -1.22 0.94
CB DLE A 6 -2.36 -0.90 2.41
CG DLE A 6 -3.08 0.31 3.08
CD1 DLE A 6 -2.65 1.70 2.54
CD2 DLE A 6 -4.61 0.16 3.07
C DLE A 6 -2.16 -2.55 0.55
O DLE A 6 -1.53 -3.23 1.35
H DLE A 6 -1.23 -0.42 -0.27
HA DLE A 6 -3.82 -1.30 0.84
HB2 DLE A 6 -2.63 -1.79 3.03
HB3 DLE A 6 -1.27 -0.76 2.49
HG DLE A 6 -2.77 0.29 4.15
HD11 DLE A 6 -3.08 2.50 3.18
HD12 DLE A 6 -3.02 1.87 1.51
HD13 DLE A 6 -1.55 1.80 2.55
HD21 DLE A 6 -4.92 -0.81 3.49
HD22 DLE A 6 -5.01 0.25 2.03
HD23 DLE A 6 -5.08 0.96 3.68
N LEU A 7 -2.35 -2.93 -0.73
CA LEU A 7 -1.75 -4.09 -1.33
C LEU A 7 -0.52 -3.56 -2.02
C BFC B . 3.23 -3.63 -1.56
O BFC B . 4.26 -3.50 -0.90
CA BFC B . 2.61 -5.01 -1.71
CB BFC B . 1.49 -5.12 -2.79
OB BFC B . 0.31 -4.47 -2.37
CC BFC B . 1.20 -6.62 -3.02
CD BFC B . 0.42 -6.91 -4.30
CE BFC B . 1.30 -6.82 -5.57
CF BFC B . 0.55 -7.08 -6.89
CG BFC B . -0.46 -5.99 -7.30
CH BFC B . 0.20 -4.62 -7.57
CI BFC B . -0.80 -3.57 -8.08
CJ BFC B . -0.15 -2.20 -8.29
CK BFC B . -1.13 -1.12 -8.78
CL BFC B . -0.46 0.23 -9.06
CM BFC B . -1.43 1.32 -9.52
HA1 BFC B . 2.23 -5.33 -0.73
HA2 BFC B . 3.44 -5.69 -2.00
HB BFC B . 1.85 -4.67 -3.74
HC1 BFC B . 0.63 -7.01 -2.15
HC2 BFC B . 2.16 -7.19 -3.06
HD1 BFC B . -0.43 -6.21 -4.39
HD2 BFC B . 0.01 -7.94 -4.25
HE1 BFC B . 2.10 -7.59 -5.48
HE2 BFC B . 1.80 -5.83 -5.62
HF1 BFC B . 0.00 -8.05 -6.81
HF2 BFC B . 1.30 -7.19 -7.71
HG1 BFC B . -1.23 -5.87 -6.52
HG2 BFC B . -0.96 -6.33 -8.23
HH1 BFC B . 1.00 -4.75 -8.33
HH2 BFC B . 0.66 -4.24 -6.64
HI1 BFC B . -1.62 -3.46 -7.33
HI2 BFC B . -1.25 -3.91 -9.03
HJ1 BFC B . 0.67 -2.30 -9.04
HJ2 BFC B . 0.30 -1.85 -7.33
HK1 BFC B . -1.91 -0.98 -8.00
HK2 BFC B . -1.63 -1.48 -9.70
HL1 BFC B . 0.32 0.08 -9.84
HL2 BFC B . 0.06 0.57 -8.14
HM1 BFC B . -1.93 1.03 -10.46
HM2 BFC B . -0.87 2.27 -9.68
HM3 BFC B . -2.20 1.50 -8.74
N GLU A 1 2.61 -2.39 -2.44
CA GLU A 1 2.96 -1.03 -2.13
C GLU A 1 2.04 -0.67 -1.02
N LEU A 2 2.28 -1.35 0.12
CA LEU A 2 1.52 -1.24 1.33
C LEU A 2 1.91 0.05 1.97
N DLE A 3 0.90 0.92 2.23
CA DLE A 3 1.11 2.23 2.77
CB DLE A 3 0.39 2.41 4.14
CG DLE A 3 1.13 3.30 5.17
CD1 DLE A 3 2.47 2.67 5.64
CD2 DLE A 3 1.32 4.76 4.72
C DLE A 3 0.54 3.14 1.73
O DLE A 3 -0.17 4.11 2.02
H DLE A 3 -0.04 0.71 2.00
HA DLE A 3 2.17 2.44 2.85
HB2 DLE A 3 -0.64 2.79 4.01
HB3 DLE A 3 0.31 1.40 4.60
HG DLE A 3 0.48 3.33 6.08
HD11 DLE A 3 2.91 3.28 6.46
HD12 DLE A 3 3.20 2.63 4.80
HD13 DLE A 3 2.30 1.64 6.01
HD21 DLE A 3 0.34 5.20 4.43
HD22 DLE A 3 2.00 4.82 3.85
HD23 DLE A 3 1.75 5.37 5.54
N VAL A 4 0.85 2.85 0.45
CA VAL A 4 0.49 3.66 -0.67
C VAL A 4 -0.88 3.23 -1.11
N ASP A 5 -0.99 1.95 -1.47
CA ASP A 5 -2.24 1.41 -1.95
C ASP A 5 -2.89 0.74 -0.78
N DLE A 6 -2.15 -0.19 -0.16
CA DLE A 6 -2.72 -1.01 0.89
CB DLE A 6 -2.37 -0.48 2.32
CG DLE A 6 -3.13 -1.13 3.49
CD1 DLE A 6 -2.57 -0.65 4.85
CD2 DLE A 6 -4.66 -0.91 3.43
C DLE A 6 -2.14 -2.36 0.63
O DLE A 6 -1.53 -2.99 1.49
H DLE A 6 -1.22 -0.41 -0.45
HA DLE A 6 -3.79 -1.07 0.77
HB2 DLE A 6 -1.28 -0.61 2.49
HB3 DLE A 6 -2.59 0.61 2.34
HG DLE A 6 -2.95 -2.24 3.44
HD11 DLE A 6 -1.48 -0.87 4.92
HD12 DLE A 6 -3.09 -1.15 5.68
HD13 DLE A 6 -2.71 0.45 4.95
HD21 DLE A 6 -5.16 -1.36 4.30
HD22 DLE A 6 -5.09 -1.35 2.51
HD23 DLE A 6 -4.89 0.19 3.43
N LEU A 7 -2.28 -2.83 -0.62
CA LEU A 7 -1.73 -4.07 -1.07
C LEU A 7 -0.42 -3.70 -1.70
C BFC B . 3.31 -3.46 -2.03
O BFC B . 4.33 -3.35 -1.36
CA BFC B . 2.77 -4.81 -2.38
CB BFC B . 1.69 -5.27 -1.36
OB BFC B . 0.49 -4.58 -1.53
CC BFC B . 1.43 -6.79 -1.53
CD BFC B . 2.59 -7.71 -1.12
CE BFC B . 2.24 -9.22 -1.16
CF BFC B . 1.91 -9.73 -2.57
CG BFC B . 1.67 -11.25 -2.60
CH BFC B . 1.21 -11.79 -3.97
CI BFC B . 2.25 -11.63 -5.09
CJ BFC B . 1.80 -12.25 -6.42
CK BFC B . 2.82 -12.05 -7.54
CL BFC B . 2.36 -12.60 -8.90
CM BFC B . 2.15 -14.12 -8.96
HA1 BFC B . 3.64 -5.51 -2.37
HA2 BFC B . 2.35 -4.82 -3.42
HB BFC B . 2.08 -5.09 -0.33
HC1 BFC B . 1.14 -6.99 -2.57
HC2 BFC B . 0.57 -7.07 -0.88
HD1 BFC B . 2.90 -7.46 -0.09
HD2 BFC B . 3.47 -7.55 -1.78
HE1 BFC B . 1.37 -9.40 -0.49
HE2 BFC B . 3.11 -9.78 -0.77
HF1 BFC B . 2.75 -9.48 -3.25
HF2 BFC B . 0.99 -9.22 -2.94
HG1 BFC B . 0.88 -11.50 -1.85
HG2 BFC B . 2.60 -11.78 -2.29
HH1 BFC B . 0.28 -11.27 -4.27
HH2 BFC B . 0.98 -12.87 -3.86
HI1 BFC B . 3.20 -12.11 -4.77
HI2 BFC B . 2.45 -10.55 -5.25
HJ1 BFC B . 0.84 -11.78 -6.73
HJ2 BFC B . 1.63 -13.33 -6.26
HK1 BFC B . 3.79 -12.54 -7.27
HK2 BFC B . 3.03 -10.97 -7.66
HL1 BFC B . 3.14 -12.32 -9.67
HL2 BFC B . 1.41 -12.09 -9.20
HM1 BFC B . 3.08 -14.65 -8.65
HM2 BFC B . 1.90 -14.43 -9.99
HM3 BFC B . 1.32 -14.43 -8.28
N GLU A 1 2.50 -2.10 -2.03
CA GLU A 1 3.37 -1.56 -1.02
C GLU A 1 2.43 -0.75 -0.17
N LEU A 2 2.44 -1.05 1.14
CA LEU A 2 1.45 -0.56 2.06
C LEU A 2 1.78 0.86 2.41
N DLE A 3 0.75 1.60 2.86
CA DLE A 3 0.86 3.02 3.10
CB DLE A 3 0.02 3.50 4.31
CG DLE A 3 0.44 2.85 5.67
CD1 DLE A 3 1.91 3.16 6.03
CD2 DLE A 3 -0.51 3.30 6.79
C DLE A 3 0.35 3.68 1.86
O DLE A 3 -0.52 4.55 1.90
H DLE A 3 -0.16 1.24 2.96
HA DLE A 3 1.90 3.31 3.22
HB2 DLE A 3 0.12 4.60 4.40
HB3 DLE A 3 -1.05 3.27 4.13
HG DLE A 3 0.34 1.75 5.56
HD11 DLE A 3 2.09 4.25 6.08
HD12 DLE A 3 2.61 2.71 5.29
HD13 DLE A 3 2.15 2.72 7.02
HD21 DLE A 3 -1.56 3.01 6.56
HD22 DLE A 3 -0.47 4.40 6.94
HD23 DLE A 3 -0.23 2.81 7.75
N VAL A 4 0.90 3.25 0.70
CA VAL A 4 0.60 3.81 -0.58
C VAL A 4 -0.61 3.13 -1.12
N ASP A 5 -0.52 1.82 -1.35
CA ASP A 5 -1.53 1.11 -2.08
C ASP A 5 -2.42 0.42 -1.10
N DLE A 6 -1.79 -0.34 -0.19
CA DLE A 6 -2.40 -1.44 0.49
CB DLE A 6 -2.51 -1.33 2.04
CG DLE A 6 -3.62 -0.38 2.59
CD1 DLE A 6 -3.34 1.12 2.35
CD2 DLE A 6 -5.02 -0.78 2.10
C DLE A 6 -1.34 -2.43 0.15
O DLE A 6 -0.27 -2.02 -0.30
H DLE A 6 -0.79 -0.43 -0.22
HA DLE A 6 -3.33 -1.72 0.03
HB2 DLE A 6 -2.72 -2.33 2.45
HB3 DLE A 6 -1.53 -0.99 2.46
HG DLE A 6 -3.61 -0.51 3.70
HD11 DLE A 6 -3.44 1.37 1.27
HD12 DLE A 6 -2.32 1.40 2.68
HD13 DLE A 6 -4.08 1.74 2.91
HD21 DLE A 6 -5.12 -0.61 1.01
HD22 DLE A 6 -5.80 -0.17 2.62
HD23 DLE A 6 -5.21 -1.86 2.31
N LEU A 7 -1.54 -3.76 0.33
CA LEU A 7 -0.54 -4.70 -0.14
C LEU A 7 -1.00 -5.11 -1.50
C BFC B . 2.58 -3.36 -2.48
O BFC B . 3.39 -4.17 -2.02
CA BFC B . 1.67 -3.76 -3.61
CB BFC B . 0.16 -3.55 -3.29
OB BFC B . -0.34 -4.53 -2.43
CC BFC B . -0.65 -3.54 -4.61
CD BFC B . -0.63 -4.85 -5.41
CE BFC B . -1.61 -4.88 -6.59
CF BFC B . -1.36 -3.79 -7.65
CG BFC B . -2.29 -3.92 -8.87
CH BFC B . -2.08 -2.83 -9.94
CI BFC B . -2.45 -1.41 -9.47
CJ BFC B . -2.31 -0.33 -10.55
CK BFC B . -0.90 -0.15 -11.13
CL BFC B . 0.18 0.19 -10.08
CM BFC B . 1.56 0.49 -10.68
HA1 BFC B . 1.86 -4.84 -3.85
HA2 BFC B . 1.95 -3.16 -4.50
HB BFC B . 0.05 -2.56 -2.81
HC1 BFC B . -0.28 -2.71 -5.24
HC2 BFC B . -1.71 -3.30 -4.36
HD1 BFC B . -0.88 -5.69 -4.73
HD2 BFC B . 0.40 -5.03 -5.80
HE1 BFC B . -2.65 -4.78 -6.21
HE2 BFC B . -1.54 -5.87 -7.08
HF1 BFC B . -0.31 -3.86 -8.00
HF2 BFC B . -1.51 -2.79 -7.18
HG1 BFC B . -3.35 -3.89 -8.52
HG2 BFC B . -2.11 -4.91 -9.33
HH1 BFC B . -2.72 -3.08 -10.82
HH2 BFC B . -1.02 -2.86 -10.26
HI1 BFC B . -1.82 -1.13 -8.59
HI2 BFC B . -3.51 -1.42 -9.13
HJ1 BFC B . -2.65 0.64 -10.13
HJ2 BFC B . -3.00 -0.58 -11.40
HK1 BFC B . -0.93 0.68 -11.87
HK2 BFC B . -0.58 -1.07 -11.67
HL1 BFC B . 0.29 -0.66 -9.37
HL2 BFC B . -0.15 1.08 -9.49
HM1 BFC B . 1.92 -0.37 -11.27
HM2 BFC B . 2.29 0.71 -9.88
HM3 BFC B . 1.50 1.38 -11.36
N GLU A 1 2.45 -2.25 -2.37
CA GLU A 1 3.40 -1.88 -1.39
C GLU A 1 2.39 -1.42 -0.40
N LEU A 2 2.82 -1.17 0.83
CA LEU A 2 1.93 -0.88 1.91
C LEU A 2 1.72 0.60 1.98
N DLE A 3 0.66 1.01 2.70
CA DLE A 3 0.49 2.39 3.13
CB DLE A 3 -0.35 2.46 4.44
CG DLE A 3 -0.33 3.83 5.18
CD1 DLE A 3 -1.31 3.81 6.37
CD2 DLE A 3 1.08 4.24 5.65
C DLE A 3 -0.14 3.19 2.03
O DLE A 3 -1.26 3.68 2.15
H DLE A 3 -0.01 0.37 3.04
HA DLE A 3 1.47 2.79 3.34
HB2 DLE A 3 -1.41 2.20 4.21
HB3 DLE A 3 0.03 1.69 5.15
HG DLE A 3 -0.69 4.60 4.47
HD11 DLE A 3 -2.34 3.58 6.02
HD12 DLE A 3 -1.33 4.81 6.86
HD13 DLE A 3 -1.02 3.05 7.12
HD21 DLE A 3 1.51 3.47 6.32
HD22 DLE A 3 1.03 5.19 6.21
HD23 DLE A 3 1.75 4.38 4.78
N VAL A 4 0.61 3.34 0.94
CA VAL A 4 0.26 4.15 -0.21
C VAL A 4 -0.72 3.38 -1.03
N ASP A 5 -0.35 2.14 -1.36
CA ASP A 5 -1.02 1.36 -2.36
C ASP A 5 -2.03 0.48 -1.67
N DLE A 6 -1.67 -0.12 -0.53
CA DLE A 6 -2.61 -0.85 0.27
CB DLE A 6 -3.12 -0.07 1.51
CG DLE A 6 -3.99 1.17 1.19
CD1 DLE A 6 -5.30 0.81 0.46
CD2 DLE A 6 -4.29 1.99 2.46
C DLE A 6 -1.86 -2.04 0.76
O DLE A 6 -1.19 -1.98 1.78
H DLE A 6 -0.74 -0.10 -0.20
HA DLE A 6 -3.45 -1.18 -0.33
HB2 DLE A 6 -3.71 -0.74 2.16
HB3 DLE A 6 -2.24 0.29 2.10
HG DLE A 6 -3.40 1.85 0.52
HD11 DLE A 6 -5.09 0.34 -0.52
HD12 DLE A 6 -5.90 1.73 0.27
HD13 DLE A 6 -5.91 0.10 1.07
HD21 DLE A 6 -4.88 2.89 2.21
HD22 DLE A 6 -3.34 2.31 2.94
HD23 DLE A 6 -4.86 1.37 3.19
N LEU A 7 -1.97 -3.17 0.03
CA LEU A 7 -1.22 -4.38 0.28
C LEU A 7 0.02 -4.45 -0.57
C BFC B . 2.53 -3.37 -3.11
O BFC B . 3.59 -4.01 -3.23
CA BFC B . 1.27 -3.84 -3.78
CB BFC B . -0.01 -3.40 -3.02
OB BFC B . -0.16 -4.05 -1.78
CC BFC B . -1.22 -3.64 -3.95
CD BFC B . -2.47 -2.87 -3.53
CE BFC B . -3.67 -3.04 -4.47
CF BFC B . -4.83 -2.12 -4.06
CG BFC B . -6.05 -2.22 -4.98
CH BFC B . -7.20 -1.26 -4.60
CI BFC B . -6.84 0.22 -4.79
CJ BFC B . -7.99 1.17 -4.42
CK BFC B . -7.60 2.64 -4.55
CL BFC B . -8.68 3.63 -4.08
CM BFC B . -9.96 3.63 -4.93
HA1 BFC B . 1.30 -4.95 -3.86
HA2 BFC B . 1.25 -3.42 -4.81
HB BFC B . 0.04 -2.31 -2.81
HC1 BFC B . -1.43 -4.73 -4.02
HC2 BFC B . -0.94 -3.30 -4.98
HD1 BFC B . -2.21 -1.79 -3.49
HD2 BFC B . -2.78 -3.19 -2.52
HE1 BFC B . -4.01 -4.10 -4.47
HE2 BFC B . -3.35 -2.77 -5.51
HF1 BFC B . -4.45 -1.07 -4.06
HF2 BFC B . -5.14 -2.37 -3.02
HG1 BFC B . -6.43 -3.26 -4.95
HG2 BFC B . -5.74 -2.01 -6.03
HH1 BFC B . -7.48 -1.44 -3.54
HH2 BFC B . -8.07 -1.50 -5.24
HI1 BFC B . -6.55 0.39 -5.85
HI2 BFC B . -5.97 0.47 -4.16
HJ1 BFC B . -8.29 0.97 -3.37
HJ2 BFC B . -8.87 0.96 -5.07
HK1 BFC B . -7.35 2.87 -5.61
HK2 BFC B . -6.68 2.82 -3.94
HL1 BFC B . -8.25 4.66 -4.11
HL2 BFC B . -8.94 3.41 -3.03
HM1 BFC B . -10.66 4.42 -4.56
HM2 BFC B . -10.48 2.64 -4.86
HM3 BFC B . -9.73 3.84 -5.99
N GLU A 1 2.16 -2.08 -2.44
CA GLU A 1 3.24 -1.76 -1.58
C GLU A 1 2.38 -1.27 -0.46
N LEU A 2 2.97 -1.15 0.72
CA LEU A 2 2.27 -0.95 1.95
C LEU A 2 1.80 0.47 2.08
N DLE A 3 0.52 0.66 2.51
CA DLE A 3 0.09 1.92 3.06
CB DLE A 3 -1.01 1.77 4.14
CG DLE A 3 -0.64 0.88 5.33
CD1 DLE A 3 0.75 1.18 5.95
CD2 DLE A 3 -1.71 0.94 6.44
C DLE A 3 -0.39 2.80 1.95
O DLE A 3 -1.55 3.18 1.87
H DLE A 3 -0.14 -0.11 2.49
HA DLE A 3 0.94 2.40 3.52
HB2 DLE A 3 -1.27 2.79 4.51
HB3 DLE A 3 -1.92 1.35 3.67
HG DLE A 3 -0.61 -0.18 4.97
HD11 DLE A 3 1.57 0.93 5.25
HD12 DLE A 3 0.89 0.59 6.88
HD13 DLE A 3 0.82 2.26 6.22
HD21 DLE A 3 -2.72 0.78 6.03
HD22 DLE A 3 -1.68 1.94 6.94
HD23 DLE A 3 -1.52 0.16 7.21
N VAL A 4 0.56 3.13 1.05
CA VAL A 4 0.44 4.01 -0.08
C VAL A 4 -0.50 3.38 -1.07
N ASP A 5 -0.27 2.08 -1.32
CA ASP A 5 -0.89 1.36 -2.41
C ASP A 5 -1.90 0.39 -1.87
N DLE A 6 -1.67 -0.15 -0.65
CA DLE A 6 -2.64 -0.95 0.03
CB DLE A 6 -3.41 -0.13 1.11
CG DLE A 6 -4.35 0.96 0.51
CD1 DLE A 6 -5.45 0.35 -0.38
CD2 DLE A 6 -4.97 1.86 1.60
C DLE A 6 -1.78 -1.94 0.72
O DLE A 6 -0.96 -1.57 1.56
H DLE A 6 -0.81 -0.03 -0.17
HA DLE A 6 -3.29 -1.45 -0.67
HB2 DLE A 6 -3.99 -0.81 1.76
HB3 DLE A 6 -2.66 0.40 1.74
HG DLE A 6 -3.73 1.61 -0.12
HD11 DLE A 6 -6.08 -0.36 0.20
HD12 DLE A 6 -5.02 -0.19 -1.25
HD13 DLE A 6 -6.10 1.15 -0.78
HD21 DLE A 6 -5.64 1.28 2.27
HD22 DLE A 6 -5.58 2.66 1.12
HD23 DLE A 6 -4.16 2.35 2.19
N LEU A 7 -1.91 -3.23 0.34
CA LEU A 7 -0.97 -4.26 0.73
C LEU A 7 0.21 -4.28 -0.21
C BFC B . 2.16 -3.13 -3.27
O BFC B . 3.18 -3.70 -3.64
CA BFC B . 0.81 -3.63 -3.71
CB BFC B . -0.31 -3.35 -2.64
OB BFC B . -0.10 -4.05 -1.44
CC BFC B . -1.69 -3.71 -3.29
CD BFC B . -1.77 -5.07 -3.99
CE BFC B . -3.19 -5.60 -4.17
CF BFC B . -3.25 -6.93 -4.96
CG BFC B . -2.81 -6.75 -6.43
CH BFC B . -3.15 -7.96 -7.32
CI BFC B . -2.83 -7.67 -8.79
CJ BFC B . -3.43 -8.71 -9.77
CK BFC B . -2.59 -8.87 -11.04
CL BFC B . -3.15 -9.91 -12.04
CM BFC B . -2.18 -10.26 -13.16
HA1 BFC B . 0.90 -4.74 -3.87
HA2 BFC B . 0.53 -3.16 -4.67
HB BFC B . -0.32 -2.27 -2.41
HC1 BFC B . -1.93 -2.93 -4.05
HC2 BFC B . -2.48 -3.65 -2.50
HD1 BFC B . -1.19 -5.82 -3.41
HD2 BFC B . -1.29 -4.99 -5.00
HE1 BFC B . -3.80 -4.85 -4.72
HE2 BFC B . -3.66 -5.75 -3.17
HF1 BFC B . -4.30 -7.30 -4.95
HF2 BFC B . -2.61 -7.70 -4.47
HG1 BFC B . -1.71 -6.57 -6.48
HG2 BFC B . -3.33 -5.87 -6.85
HH1 BFC B . -4.23 -8.19 -7.23
HH2 BFC B . -2.57 -8.84 -6.97
HI1 BFC B . -1.72 -7.67 -8.93
HI2 BFC B . -3.21 -6.65 -9.07
HJ1 BFC B . -4.47 -8.40 -10.01
HJ2 BFC B . -3.46 -9.69 -9.25
HK1 BFC B . -1.58 -9.20 -10.72
HK2 BFC B . -2.50 -7.89 -11.57
HL1 BFC B . -4.08 -9.50 -12.47
HL2 BFC B . -3.41 -10.84 -11.46
HM1 BFC B . -2.64 -10.99 -13.85
HM2 BFC B . -1.26 -10.71 -12.73
HM3 BFC B . -1.90 -9.36 -13.73
N GLU A 1 2.66 -2.48 -1.98
CA GLU A 1 3.23 -1.18 -1.79
C GLU A 1 2.34 -0.62 -0.73
N LEU A 2 2.38 -1.27 0.44
CA LEU A 2 1.50 -0.98 1.54
C LEU A 2 1.97 0.31 2.13
N DLE A 3 1.02 1.21 2.46
CA DLE A 3 1.34 2.58 2.75
CB DLE A 3 0.86 3.10 4.13
CG DLE A 3 1.59 2.53 5.38
CD1 DLE A 3 1.20 1.10 5.76
CD2 DLE A 3 3.12 2.69 5.29
C DLE A 3 0.64 3.33 1.66
O DLE A 3 -0.14 4.24 1.92
H DLE A 3 0.04 1.01 2.38
HA DLE A 3 2.40 2.76 2.63
HB2 DLE A 3 1.02 4.21 4.15
HB3 DLE A 3 -0.23 2.94 4.24
HG DLE A 3 1.27 3.17 6.24
HD11 DLE A 3 1.69 0.80 6.71
HD12 DLE A 3 1.51 0.38 4.97
HD13 DLE A 3 0.10 1.02 5.91
HD21 DLE A 3 3.59 2.40 6.25
HD22 DLE A 3 3.40 3.73 5.07
HD23 DLE A 3 3.54 2.04 4.49
N VAL A 4 0.90 2.93 0.40
CA VAL A 4 0.41 3.63 -0.76
C VAL A 4 -0.91 3.03 -1.12
N ASP A 5 -0.91 1.72 -1.45
CA ASP A 5 -2.08 1.09 -2.02
C ASP A 5 -2.89 0.50 -0.92
N DLE A 6 -2.23 -0.32 -0.05
CA DLE A 6 -2.93 -1.08 0.96
CB DLE A 6 -2.56 -0.70 2.41
CG DLE A 6 -2.92 0.76 2.80
CD1 DLE A 6 -4.42 1.08 2.67
CD2 DLE A 6 -2.42 1.08 4.22
C DLE A 6 -2.52 -2.50 0.71
O DLE A 6 -2.24 -3.26 1.63
H DLE A 6 -1.26 -0.49 -0.17
HA DLE A 6 -4.00 -1.01 0.81
HB2 DLE A 6 -3.10 -1.38 3.11
HB3 DLE A 6 -1.47 -0.85 2.56
HG DLE A 6 -2.38 1.44 2.09
HD11 DLE A 6 -5.02 0.40 3.31
HD12 DLE A 6 -4.76 0.97 1.62
HD13 DLE A 6 -4.62 2.12 2.98
HD21 DLE A 6 -2.59 2.15 4.45
HD22 DLE A 6 -1.33 0.87 4.29
HD23 DLE A 6 -2.95 0.45 4.96
N LEU A 7 -2.46 -2.86 -0.59
CA LEU A 7 -1.79 -4.04 -1.07
C LEU A 7 -0.42 -3.54 -1.46
C BFC B . 3.38 -3.59 -2.19
O BFC B . 4.60 -3.55 -2.31
CA BFC B . 2.68 -4.93 -2.23
CB BFC B . 1.28 -4.94 -2.92
OB BFC B . 0.30 -4.39 -2.09
CC BFC B . 0.92 -6.41 -3.27
CD BFC B . 1.63 -6.94 -4.52
CE BFC B . 1.42 -8.45 -4.74
CF BFC B . 1.98 -8.98 -6.07
CG BFC B . 3.45 -8.63 -6.36
CH BFC B . 4.45 -9.17 -5.32
CI BFC B . 5.91 -8.74 -5.57
CJ BFC B . 6.13 -7.22 -5.41
CK BFC B . 7.61 -6.82 -5.55
CL BFC B . 7.83 -5.29 -5.52
CM BFC B . 7.40 -4.59 -4.23
HA1 BFC B . 2.60 -5.35 -1.20
HA2 BFC B . 3.37 -5.62 -2.79
HB BFC B . 1.33 -4.35 -3.86
HC1 BFC B . -0.17 -6.49 -3.47
HC2 BFC B . 1.15 -7.05 -2.40
HD1 BFC B . 2.72 -6.75 -4.44
HD2 BFC B . 1.26 -6.38 -5.41
HE1 BFC B . 0.33 -8.67 -4.72
HE2 BFC B . 1.89 -9.00 -3.90
HF1 BFC B . 1.37 -8.56 -6.90
HF2 BFC B . 1.86 -10.08 -6.10
HG1 BFC B . 3.55 -7.53 -6.44
HG2 BFC B . 3.73 -9.06 -7.35
HH1 BFC B . 4.41 -10.28 -5.33
HH2 BFC B . 4.16 -8.83 -4.30
HI1 BFC B . 6.22 -9.06 -6.59
HI2 BFC B . 6.56 -9.27 -4.85
HJ1 BFC B . 5.76 -6.91 -4.42
HJ2 BFC B . 5.55 -6.68 -6.18
HK1 BFC B . 7.99 -7.21 -6.52
HK2 BFC B . 8.20 -7.29 -4.74
HL1 BFC B . 7.29 -4.83 -6.38
HL2 BFC B . 8.92 -5.11 -5.69
HM1 BFC B . 6.30 -4.67 -4.09
HM2 BFC B . 7.66 -3.52 -4.27
HM3 BFC B . 7.90 -5.05 -3.35
N GLU A 1 2.63 -2.62 -2.07
CA GLU A 1 3.26 -1.33 -1.97
C GLU A 1 2.39 -0.66 -0.95
N LEU A 2 2.46 -1.22 0.28
CA LEU A 2 1.59 -0.92 1.37
C LEU A 2 1.97 0.43 1.89
N DLE A 3 1.04 1.12 2.60
CA DLE A 3 1.23 2.51 2.93
CB DLE A 3 0.67 2.89 4.34
CG DLE A 3 1.32 2.13 5.51
CD1 DLE A 3 2.83 2.40 5.64
CD2 DLE A 3 0.59 2.44 6.83
C DLE A 3 0.49 3.27 1.87
O DLE A 3 -0.43 4.02 2.17
H DLE A 3 0.15 0.74 2.83
HA DLE A 3 2.27 2.78 2.88
HB2 DLE A 3 0.82 3.98 4.49
HB3 DLE A 3 -0.42 2.70 4.36
HG DLE A 3 1.20 1.04 5.32
HD11 DLE A 3 3.38 2.08 4.73
HD12 DLE A 3 3.26 1.86 6.50
HD13 DLE A 3 3.03 3.49 5.80
HD21 DLE A 3 -0.49 2.18 6.75
HD22 DLE A 3 0.68 3.52 7.08
HD23 DLE A 3 1.03 1.86 7.67
N VAL A 4 0.89 3.06 0.62
CA VAL A 4 0.34 3.76 -0.52
C VAL A 4 -0.94 3.08 -0.92
N ASP A 5 -0.85 1.81 -1.34
CA ASP A 5 -1.97 1.18 -2.01
C ASP A 5 -2.76 0.36 -1.04
N DLE A 6 -2.16 -0.03 0.09
CA DLE A 6 -2.83 -0.92 1.03
CB DLE A 6 -2.53 -0.61 2.51
CG DLE A 6 -2.88 0.83 2.97
CD1 DLE A 6 -4.33 1.24 2.63
CD2 DLE A 6 -2.62 1.00 4.48
C DLE A 6 -2.35 -2.31 0.71
O DLE A 6 -1.83 -3.03 1.58
H DLE A 6 -1.23 0.23 0.28
HA DLE A 6 -3.90 -0.89 0.88
HB2 DLE A 6 -3.11 -1.32 3.14
HB3 DLE A 6 -1.45 -0.79 2.72
HG DLE A 6 -2.21 1.54 2.42
HD11 DLE A 6 -4.50 1.25 1.53
HD12 DLE A 6 -4.54 2.27 3.00
HD13 DLE A 6 -5.06 0.55 3.10
HD21 DLE A 6 -3.29 0.33 5.06
HD22 DLE A 6 -2.80 2.05 4.79
HD23 DLE A 6 -1.56 0.72 4.71
N LEU A 7 -2.48 -2.71 -0.57
CA LEU A 7 -1.87 -3.90 -1.11
C LEU A 7 -0.50 -3.46 -1.58
C BFC B . 3.31 -3.79 -2.02
O BFC B . 4.55 -3.81 -1.99
CA BFC B . 2.55 -5.09 -1.96
CB BFC B . 1.20 -5.13 -2.74
OB BFC B . 0.21 -4.41 -2.07
CC BFC B . 0.70 -6.59 -2.88
CD BFC B . 1.57 -7.56 -3.70
CE BFC B . 1.78 -7.13 -5.17
CF BFC B . 2.57 -8.14 -6.00
CG BFC B . 4.10 -7.92 -6.05
CH BFC B . 4.82 -8.01 -4.70
CI BFC B . 6.35 -7.97 -4.82
CJ BFC B . 7.08 -7.96 -3.47
CK BFC B . 6.93 -6.64 -2.70
CL BFC B . 7.73 -6.59 -1.39
CM BFC B . 7.23 -7.53 -0.28
HA1 BFC B . 2.38 -5.37 -0.90
HA2 BFC B . 3.24 -5.85 -2.39
HB BFC B . 1.34 -4.70 -3.75
HC1 BFC B . -0.30 -6.58 -3.36
HC2 BFC B . 0.57 -7.02 -1.85
HD1 BFC B . 1.06 -8.55 -3.70
HD2 BFC B . 2.54 -7.69 -3.20
HE1 BFC B . 2.27 -6.14 -5.23
HE2 BFC B . 0.76 -7.04 -5.62
HF1 BFC B . 2.20 -8.07 -7.06
HF2 BFC B . 2.35 -9.18 -5.65
HG1 BFC B . 4.30 -6.91 -6.49
HG2 BFC B . 4.53 -8.68 -6.74
HH1 BFC B . 4.53 -8.96 -4.20
HH2 BFC B . 4.49 -7.17 -4.07
HI1 BFC B . 6.65 -7.07 -5.40
HI2 BFC B . 6.68 -8.87 -5.39
HJ1 BFC B . 8.16 -8.13 -3.65
HJ2 BFC B . 6.70 -8.81 -2.85
HK1 BFC B . 5.85 -6.45 -2.46
HK2 BFC B . 7.27 -5.81 -3.35
HL1 BFC B . 7.69 -5.54 -1.00
HL2 BFC B . 8.79 -6.82 -1.61
HM1 BFC B . 6.17 -7.30 -0.03
HM2 BFC B . 7.84 -7.41 0.63
HM3 BFC B . 7.30 -8.59 -0.61
N GLU A 1 2.64 -2.48 -2.05
CA GLU A 1 3.24 -1.19 -1.81
C GLU A 1 2.32 -0.63 -0.76
N LEU A 2 2.38 -1.30 0.42
CA LEU A 2 1.50 -1.04 1.53
C LEU A 2 1.93 0.27 2.11
N DLE A 3 0.96 1.16 2.44
CA DLE A 3 1.27 2.52 2.76
CB DLE A 3 0.74 3.00 4.14
CG DLE A 3 1.26 2.15 5.34
CD1 DLE A 3 2.79 2.19 5.47
CD2 DLE A 3 0.58 2.58 6.66
C DLE A 3 0.61 3.32 1.68
O DLE A 3 -0.14 4.25 1.95
H DLE A 3 0.00 0.95 2.35
HA DLE A 3 2.33 2.71 2.70
HB2 DLE A 3 1.03 4.05 4.30
HB3 DLE A 3 -0.37 2.95 4.14
HG DLE A 3 0.97 1.09 5.16
HD11 DLE A 3 3.15 3.24 5.63
HD12 DLE A 3 3.29 1.78 4.57
HD13 DLE A 3 3.12 1.59 6.35
HD21 DLE A 3 -0.52 2.51 6.55
HD22 DLE A 3 0.84 3.63 6.91
HD23 DLE A 3 0.90 1.93 7.49
N VAL A 4 0.89 2.94 0.42
CA VAL A 4 0.40 3.65 -0.74
C VAL A 4 -0.92 3.03 -1.11
N ASP A 5 -0.90 1.74 -1.47
CA ASP A 5 -2.06 1.10 -2.04
C ASP A 5 -2.87 0.48 -0.96
N DLE A 6 -2.22 -0.28 -0.05
CA DLE A 6 -2.91 -1.03 0.97
CB DLE A 6 -2.58 -0.62 2.43
CG DLE A 6 -2.97 0.84 2.79
CD1 DLE A 6 -4.46 1.16 2.58
CD2 DLE A 6 -2.54 1.15 4.24
C DLE A 6 -2.43 -2.44 0.76
O DLE A 6 -2.05 -3.14 1.70
H DLE A 6 -1.23 -0.44 -0.14
HA DLE A 6 -3.97 -1.01 0.81
HB2 DLE A 6 -3.14 -1.29 3.12
HB3 DLE A 6 -1.50 -0.76 2.62
HG DLE A 6 -2.38 1.53 2.13
HD11 DLE A 6 -4.74 1.05 1.52
HD12 DLE A 6 -4.67 2.21 2.89
HD13 DLE A 6 -5.10 0.48 3.19
HD21 DLE A 6 -2.72 2.22 4.48
HD22 DLE A 6 -1.47 0.93 4.40
HD23 DLE A 6 -3.13 0.54 4.96
N LEU A 7 -2.44 -2.86 -0.51
CA LEU A 7 -1.76 -4.04 -0.99
C LEU A 7 -0.43 -3.52 -1.48
C BFC B . 3.37 -3.61 -2.17
O BFC B . 4.59 -3.58 -2.20
CA BFC B . 2.66 -4.94 -2.26
CB BFC B . 1.25 -4.95 -2.95
OB BFC B . 0.28 -4.37 -2.11
CC BFC B . 0.82 -6.40 -3.27
CD BFC B . 1.68 -7.16 -4.31
CE BFC B . 1.67 -6.54 -5.72
CF BFC B . 2.50 -7.36 -6.72
CG BFC B . 2.49 -6.79 -8.14
CH BFC B . 3.37 -7.59 -9.12
CI BFC B . 3.32 -7.11 -10.57
CJ BFC B . 3.88 -5.69 -10.79
CK BFC B . 3.90 -5.28 -12.28
CL BFC B . 4.56 -3.92 -12.53
CM BFC B . 3.85 -2.73 -11.88
HA1 BFC B . 2.57 -5.38 -1.24
HA2 BFC B . 3.35 -5.60 -2.84
HB BFC B . 1.31 -4.36 -3.89
HC1 BFC B . -0.22 -6.38 -3.66
HC2 BFC B . 0.82 -6.99 -2.33
HD1 BFC B . 1.28 -8.19 -4.39
HD2 BFC B . 2.73 -7.24 -3.96
HE1 BFC B . 2.09 -5.51 -5.68
HE2 BFC B . 0.62 -6.48 -6.08
HF1 BFC B . 2.12 -8.40 -6.74
HF2 BFC B . 3.55 -7.40 -6.36
HG1 BFC B . 2.85 -5.73 -8.11
HG2 BFC B . 1.45 -6.78 -8.52
HH1 BFC B . 3.03 -8.65 -9.09
HH2 BFC B . 4.42 -7.57 -8.77
HI1 BFC B . 2.26 -7.14 -10.93
HI2 BFC B . 3.90 -7.82 -11.20
HJ1 BFC B . 4.92 -5.65 -10.39
HJ2 BFC B . 3.27 -4.96 -10.23
HK1 BFC B . 2.86 -5.27 -12.67
HK2 BFC B . 4.47 -6.05 -12.84
HL1 BFC B . 4.59 -3.75 -13.63
HL2 BFC B . 5.62 -3.95 -12.17
HM1 BFC B . 4.36 -1.78 -12.17
HM2 BFC B . 3.87 -2.81 -10.77
HM3 BFC B . 2.80 -2.67 -12.22
N GLU A 1 2.57 -2.61 -2.22
CA GLU A 1 2.95 -1.22 -2.14
C GLU A 1 2.07 -0.68 -1.04
N LEU A 2 2.30 -1.23 0.17
CA LEU A 2 1.57 -0.96 1.37
C LEU A 2 2.01 0.37 1.87
N DLE A 3 1.10 1.10 2.57
CA DLE A 3 1.31 2.49 2.89
CB DLE A 3 0.78 2.90 4.28
CG DLE A 3 1.42 2.12 5.46
CD1 DLE A 3 2.96 2.27 5.53
CD2 DLE A 3 0.78 2.52 6.80
C DLE A 3 0.57 3.25 1.83
O DLE A 3 -0.31 4.06 2.12
H DLE A 3 0.21 0.74 2.80
HA DLE A 3 2.35 2.74 2.79
HB2 DLE A 3 0.98 3.98 4.43
HB3 DLE A 3 -0.32 2.76 4.32
HG DLE A 3 1.20 1.04 5.32
HD11 DLE A 3 3.37 1.70 6.38
HD12 DLE A 3 3.24 3.34 5.65
HD13 DLE A 3 3.43 1.88 4.60
HD21 DLE A 3 -0.32 2.36 6.78
HD22 DLE A 3 0.96 3.60 7.02
HD23 DLE A 3 1.20 1.92 7.63
N VAL A 4 0.94 2.99 0.56
CA VAL A 4 0.49 3.73 -0.58
C VAL A 4 -0.87 3.23 -0.98
N ASP A 5 -0.95 1.93 -1.31
CA ASP A 5 -2.13 1.35 -1.89
C ASP A 5 -2.86 0.59 -0.84
N DLE A 6 -2.12 -0.23 -0.06
CA DLE A 6 -2.71 -1.11 0.92
CB DLE A 6 -2.39 -0.78 2.40
CG DLE A 6 -2.88 0.60 2.90
CD1 DLE A 6 -4.41 0.78 2.76
CD2 DLE A 6 -2.46 0.82 4.37
C DLE A 6 -2.13 -2.46 0.61
O DLE A 6 -1.47 -3.08 1.44
H DLE A 6 -1.14 -0.32 -0.21
HA DLE A 6 -3.79 -1.17 0.79
HB2 DLE A 6 -2.83 -1.56 3.05
HB3 DLE A 6 -1.28 -0.82 2.55
HG DLE A 6 -2.39 1.39 2.29
HD11 DLE A 6 -4.72 0.74 1.69
HD12 DLE A 6 -4.71 1.78 3.15
HD13 DLE A 6 -4.96 0.00 3.32
HD21 DLE A 6 -2.97 0.09 5.03
HD22 DLE A 6 -2.73 1.84 4.70
HD23 DLE A 6 -1.36 0.68 4.50
N LEU A 7 -2.35 -2.94 -0.63
CA LEU A 7 -1.76 -4.15 -1.14
C LEU A 7 -0.53 -3.70 -1.87
C BFC B . 3.25 -3.62 -1.64
O BFC B . 4.31 -3.40 -1.05
CA BFC B . 2.69 -5.03 -1.66
CB BFC B . 1.48 -5.27 -2.61
OB BFC B . 0.32 -4.65 -2.15
CC BFC B . 1.29 -6.80 -2.71
CD BFC B . 0.21 -7.22 -3.72
CE BFC B . 0.07 -8.74 -3.91
CF BFC B . 1.19 -9.41 -4.74
CG BFC B . 1.19 -8.98 -6.22
CH BFC B . 2.25 -9.70 -7.07
CI BFC B . 2.31 -9.21 -8.54
CJ BFC B . 2.81 -7.77 -8.67
CK BFC B . 2.87 -7.26 -10.12
CL BFC B . 3.45 -5.84 -10.24
CM BFC B . 2.68 -4.75 -9.50
HA1 BFC B . 2.41 -5.31 -0.63
HA2 BFC B . 3.52 -5.69 -1.98
HB BFC B . 1.74 -4.89 -3.63
HC1 BFC B . 1.03 -7.21 -1.71
HC2 BFC B . 2.25 -7.26 -3.03
HD1 BFC B . 0.41 -6.73 -4.70
HD2 BFC B . -0.77 -6.84 -3.37
HE1 BFC B . -0.90 -8.96 -4.42
HE2 BFC B . 0.03 -9.22 -2.91
HF1 BFC B . 1.04 -10.51 -4.70
HF2 BFC B . 2.18 -9.19 -4.28
HG1 BFC B . 1.38 -7.89 -6.26
HG2 BFC B . 0.19 -9.18 -6.66
HH1 BFC B . 2.03 -10.79 -7.07
HH2 BFC B . 3.26 -9.56 -6.61
HI1 BFC B . 1.30 -9.31 -8.99
HI2 BFC B . 3.00 -9.88 -9.09
HJ1 BFC B . 3.83 -7.70 -8.22
HJ2 BFC B . 2.13 -7.10 -8.10
HK1 BFC B . 1.85 -7.27 -10.55
HK2 BFC B . 3.51 -7.96 -10.72
HL1 BFC B . 3.49 -5.59 -11.33
HL2 BFC B . 4.50 -5.86 -9.87
HM1 BFC B . 2.72 -4.90 -8.41
HM2 BFC B . 1.62 -4.74 -9.83
HM3 BFC B . 3.12 -3.75 -9.74
N GLU A 1 2.80 -2.40 -2.23
CA GLU A 1 3.55 -1.96 -1.11
C GLU A 1 2.39 -1.37 -0.38
N LEU A 2 2.43 -1.38 0.95
CA LEU A 2 1.38 -0.85 1.79
C LEU A 2 1.65 0.61 1.95
N DLE A 3 0.86 1.32 2.79
CA DLE A 3 1.02 2.74 2.99
CB DLE A 3 0.55 3.29 4.36
CG DLE A 3 1.42 2.90 5.59
CD1 DLE A 3 1.25 1.42 6.01
CD2 DLE A 3 2.90 3.28 5.41
C DLE A 3 0.27 3.42 1.89
O DLE A 3 -0.77 4.04 2.11
H DLE A 3 0.11 0.90 3.29
HA DLE A 3 2.07 2.99 2.86
HB2 DLE A 3 0.56 4.41 4.31
HB3 DLE A 3 -0.50 3.00 4.55
HG DLE A 3 1.03 3.51 6.45
HD11 DLE A 3 1.78 1.23 6.97
HD12 DLE A 3 1.70 0.75 5.25
HD13 DLE A 3 0.18 1.17 6.14
HD21 DLE A 3 3.45 3.13 6.36
HD22 DLE A 3 2.99 4.35 5.12
HD23 DLE A 3 3.38 2.66 4.63
N VAL A 4 0.81 3.30 0.66
CA VAL A 4 0.34 3.96 -0.52
C VAL A 4 -0.82 3.22 -1.07
N ASP A 5 -0.61 1.93 -1.41
CA ASP A 5 -1.58 1.24 -2.21
C ASP A 5 -2.53 0.52 -1.31
N DLE A 6 -1.98 -0.24 -0.34
CA DLE A 6 -2.78 -0.95 0.63
CB DLE A 6 -2.80 -0.27 2.04
CG DLE A 6 -3.46 1.13 2.09
CD1 DLE A 6 -4.96 1.11 1.76
CD2 DLE A 6 -3.22 1.79 3.46
C DLE A 6 -2.12 -2.28 0.77
O DLE A 6 -1.62 -2.63 1.83
H DLE A 6 -0.99 -0.36 -0.27
HA DLE A 6 -3.78 -1.09 0.26
HB2 DLE A 6 -3.34 -0.93 2.75
HB3 DLE A 6 -1.75 -0.17 2.39
HG DLE A 6 -2.96 1.77 1.33
HD11 DLE A 6 -5.51 0.46 2.48
HD12 DLE A 6 -5.14 0.73 0.73
HD13 DLE A 6 -5.38 2.13 1.82
HD21 DLE A 6 -2.13 1.89 3.65
HD22 DLE A 6 -3.66 1.18 4.28
HD23 DLE A 6 -3.66 2.80 3.49
N LEU A 7 -2.08 -3.06 -0.33
CA LEU A 7 -1.41 -4.35 -0.34
C LEU A 7 -0.02 -4.14 -0.86
C BFC B . 2.97 -3.58 -2.83
O BFC B . 3.95 -4.30 -2.65
CA BFC B . 1.85 -4.01 -3.74
CB BFC B . 0.47 -3.41 -3.37
OB BFC B . 0.02 -3.86 -2.12
CC BFC B . -0.49 -3.84 -4.52
CD BFC B . -1.93 -3.29 -4.46
CE BFC B . -2.76 -3.57 -5.73
CF BFC B . -2.44 -2.61 -6.89
CG BFC B . -3.10 -1.22 -6.75
CH BFC B . -4.51 -1.13 -7.33
CI BFC B . -5.21 0.18 -6.94
CJ BFC B . -6.33 0.64 -7.90
CK BFC B . -7.49 -0.35 -8.05
CL BFC B . -8.60 0.20 -8.96
CM BFC B . -9.72 -0.81 -9.26
HA1 BFC B . 1.78 -5.13 -3.73
HA2 BFC B . 2.11 -3.70 -4.78
HB BFC B . 0.56 -2.31 -3.34
HC1 BFC B . -0.53 -4.95 -4.57
HC2 BFC B . -0.03 -3.49 -5.47
HD1 BFC B . -1.89 -2.19 -4.31
HD2 BFC B . -2.46 -3.72 -3.59
HE1 BFC B . -3.84 -3.49 -5.49
HE2 BFC B . -2.56 -4.62 -6.05
HF1 BFC B . -2.77 -3.06 -7.86
HF2 BFC B . -1.34 -2.48 -6.95
HG1 BFC B . -2.47 -0.47 -7.26
HG2 BFC B . -3.14 -0.95 -5.67
HH1 BFC B . -5.13 -1.99 -6.98
HH2 BFC B . -4.44 -1.19 -8.44
HI1 BFC B . -4.45 0.99 -6.91
HI2 BFC B . -5.62 0.08 -5.90
HJ1 BFC B . -5.88 0.83 -8.89
HJ2 BFC B . -6.73 1.61 -7.52
HK1 BFC B . -7.92 -0.57 -7.05
HK2 BFC B . -7.11 -1.31 -8.49
HL1 BFC B . -8.15 0.51 -9.93
HL2 BFC B . -9.04 1.11 -8.49
HM1 BFC B . -9.34 -1.68 -9.82
HM2 BFC B . -10.52 -0.32 -9.87
HM3 BFC B . -10.18 -1.16 -8.31
N GLU A 1 2.80 -2.46 -2.35
CA GLU A 1 3.15 -1.08 -2.13
C GLU A 1 2.23 -0.60 -1.04
N LEU A 2 2.29 -1.32 0.10
CA LEU A 2 1.44 -1.09 1.24
C LEU A 2 2.02 0.10 1.93
N DLE A 3 1.13 1.03 2.34
CA DLE A 3 1.53 2.37 2.66
CB DLE A 3 1.19 2.85 4.09
CG DLE A 3 1.92 2.14 5.27
CD1 DLE A 3 1.36 0.74 5.61
CD2 DLE A 3 3.45 2.10 5.08
C DLE A 3 0.79 3.19 1.66
O DLE A 3 0.07 4.12 2.02
H DLE A 3 0.15 0.89 2.29
HA DLE A 3 2.59 2.51 2.46
HB2 DLE A 3 1.47 3.94 4.16
HB3 DLE A 3 0.10 2.79 4.27
HG DLE A 3 1.73 2.76 6.17
HD11 DLE A 3 1.56 0.02 4.78
HD12 DLE A 3 0.27 0.79 5.79
HD13 DLE A 3 1.85 0.35 6.53
HD21 DLE A 3 3.85 3.12 4.88
HD22 DLE A 3 3.74 1.44 4.23
HD23 DLE A 3 3.94 1.71 5.99
N VAL A 4 0.93 2.84 0.36
CA VAL A 4 0.36 3.59 -0.73
C VAL A 4 -0.99 3.03 -0.99
N ASP A 5 -1.05 1.78 -1.49
CA ASP A 5 -2.28 1.25 -2.02
C ASP A 5 -3.03 0.56 -0.92
N DLE A 6 -2.32 -0.29 -0.14
CA DLE A 6 -2.94 -1.07 0.92
CB DLE A 6 -2.51 -0.64 2.35
CG DLE A 6 -2.89 0.81 2.72
CD1 DLE A 6 -4.42 1.05 2.71
CD2 DLE A 6 -2.31 1.18 4.10
C DLE A 6 -2.46 -2.47 0.67
O DLE A 6 -2.09 -3.20 1.58
H DLE A 6 -1.36 -0.48 -0.34
HA DLE A 6 -4.01 -1.06 0.82
HB2 DLE A 6 -2.98 -1.33 3.08
HB3 DLE A 6 -1.41 -0.75 2.44
HG DLE A 6 -2.44 1.50 1.97
HD11 DLE A 6 -4.93 0.38 3.42
HD12 DLE A 6 -4.84 0.89 1.70
HD13 DLE A 6 -4.64 2.10 3.00
HD21 DLE A 6 -2.48 2.26 4.31
HD22 DLE A 6 -1.21 0.99 4.10
HD23 DLE A 6 -2.78 0.58 4.89
N LEU A 7 -2.44 -2.85 -0.62
CA LEU A 7 -1.73 -4.01 -1.10
C LEU A 7 -0.42 -3.43 -1.57
C BFC B . 3.41 -3.49 -1.73
O BFC B . 4.38 -3.29 -1.00
CA BFC B . 2.85 -4.88 -1.86
CB BFC B . 1.46 -5.03 -2.56
OB BFC B . 0.44 -4.32 -1.92
CC BFC B . 1.08 -6.53 -2.60
CD BFC B . 0.83 -7.13 -1.20
CE BFC B . 0.09 -8.48 -1.21
CF BFC B . -0.23 -9.01 0.20
CG BFC B . -1.26 -8.16 0.96
CH BFC B . -1.49 -8.63 2.41
CI BFC B . -2.48 -7.74 3.17
CJ BFC B . -2.73 -8.18 4.63
CK BFC B . -1.51 -8.01 5.55
CL BFC B . -1.78 -8.43 7.01
CM BFC B . -2.82 -7.59 7.75
HA1 BFC B . 2.78 -5.29 -0.83
HA2 BFC B . 3.59 -5.51 -2.42
HB BFC B . 1.56 -4.68 -3.61
HC1 BFC B . 1.88 -7.12 -3.11
HC2 BFC B . 0.15 -6.64 -3.19
HD1 BFC B . 0.23 -6.42 -0.61
HD2 BFC B . 1.79 -7.27 -0.67
HE1 BFC B . 0.72 -9.23 -1.73
HE2 BFC B . -0.86 -8.38 -1.79
HF1 BFC B . 0.71 -9.05 0.79
HF2 BFC B . -0.63 -10.05 0.12
HG1 BFC B . -2.23 -8.19 0.42
HG2 BFC B . -0.92 -7.10 1.01
HH1 BFC B . -0.50 -8.63 2.93
HH2 BFC B . -1.87 -9.67 2.39
HI1 BFC B . -3.45 -7.76 2.63
HI2 BFC B . -2.11 -6.70 3.17
HJ1 BFC B . -3.06 -9.24 4.64
HJ2 BFC B . -3.56 -7.56 5.02
HK1 BFC B . -1.18 -6.95 5.53
HK2 BFC B . -0.68 -8.64 5.17
HL1 BFC B . -0.82 -8.37 7.57
HL2 BFC B . -2.10 -9.50 7.03
HM1 BFC B . -2.90 -7.93 8.81
HM2 BFC B . -3.83 -7.70 7.27
HM3 BFC B . -2.55 -6.52 7.73
N GLU A 1 2.40 -2.21 -2.30
CA GLU A 1 3.35 -1.80 -1.35
C GLU A 1 2.36 -1.39 -0.33
N LEU A 2 2.81 -1.14 0.90
CA LEU A 2 1.96 -0.85 2.00
C LEU A 2 1.72 0.63 2.07
N DLE A 3 0.59 1.02 2.70
CA DLE A 3 0.29 2.37 3.08
CB DLE A 3 -0.79 2.43 4.20
CG DLE A 3 -0.33 1.78 5.53
CD1 DLE A 3 0.75 2.64 6.25
CD2 DLE A 3 -1.53 1.51 6.46
C DLE A 3 -0.22 3.16 1.90
O DLE A 3 -1.34 3.65 1.90
H DLE A 3 -0.06 0.33 3.01
HA DLE A 3 1.20 2.84 3.42
HB2 DLE A 3 -1.07 3.49 4.40
HB3 DLE A 3 -1.70 1.90 3.84
HG DLE A 3 0.13 0.79 5.31
HD11 DLE A 3 0.36 3.65 6.45
HD12 DLE A 3 1.66 2.73 5.61
HD13 DLE A 3 1.05 2.17 7.20
HD21 DLE A 3 -2.25 0.83 5.96
HD22 DLE A 3 -2.06 2.46 6.70
HD23 DLE A 3 -1.19 1.04 7.40
N VAL A 4 0.64 3.31 0.89
CA VAL A 4 0.44 4.12 -0.27
C VAL A 4 -0.56 3.44 -1.14
N ASP A 5 -0.33 2.14 -1.37
CA ASP A 5 -1.10 1.35 -2.28
C ASP A 5 -2.11 0.60 -1.47
N DLE A 6 -1.65 -0.16 -0.46
CA DLE A 6 -2.57 -0.91 0.36
CB DLE A 6 -2.99 -0.15 1.66
CG DLE A 6 -4.24 -0.68 2.40
CD1 DLE A 6 -5.53 -0.51 1.58
CD2 DLE A 6 -4.10 -2.11 2.95
C DLE A 6 -1.80 -2.16 0.71
O DLE A 6 -1.06 -2.14 1.68
H DLE A 6 -0.67 -0.26 -0.27
HA DLE A 6 -3.44 -1.18 -0.22
HB2 DLE A 6 -2.14 -0.11 2.37
HB3 DLE A 6 -3.19 0.91 1.36
HG DLE A 6 -4.35 -0.01 3.29
HD11 DLE A 6 -6.42 -0.75 2.21
HD12 DLE A 6 -5.54 -1.18 0.70
HD13 DLE A 6 -5.64 0.54 1.22
HD21 DLE A 6 -4.11 -2.85 2.12
HD22 DLE A 6 -4.96 -2.35 3.62
HD23 DLE A 6 -3.17 -2.22 3.52
N LEU A 7 -1.98 -3.25 -0.05
CA LEU A 7 -1.26 -4.48 0.19
C LEU A 7 -0.02 -4.62 -0.65
C BFC B . 2.54 -3.28 -3.11
O BFC B . 3.61 -3.85 -3.27
CA BFC B . 1.30 -3.74 -3.82
CB BFC B . -0.01 -3.44 -3.03
OB BFC B . -0.15 -4.21 -1.88
CC BFC B . -1.20 -3.60 -4.01
CD BFC B . -1.36 -5.01 -4.62
CE BFC B . -2.53 -5.10 -5.61
CF BFC B . -2.87 -6.56 -5.98
CG BFC B . -3.65 -6.70 -7.29
CH BFC B . -4.23 -8.10 -7.53
CI BFC B . -3.21 -9.24 -7.29
CJ BFC B . -3.73 -10.60 -7.79
CK BFC B . -2.85 -11.76 -7.30
CL BFC B . -3.16 -13.10 -7.98
CM BFC B . -4.61 -13.57 -7.84
HA1 BFC B . 1.39 -4.83 -4.01
HA2 BFC B . 1.25 -3.22 -4.80
HB BFC B . -0.01 -2.38 -2.70
HC1 BFC B . -1.08 -2.88 -4.84
HC2 BFC B . -2.15 -3.34 -3.48
HD1 BFC B . -1.51 -5.74 -3.81
HD2 BFC B . -0.44 -5.30 -5.17
HE1 BFC B . -2.24 -4.55 -6.54
HE2 BFC B . -3.43 -4.61 -5.18
HF1 BFC B . -3.45 -7.00 -5.14
HF2 BFC B . -1.91 -7.12 -6.07
HG1 BFC B . -2.96 -6.44 -8.13
HG2 BFC B . -4.48 -5.97 -7.32
HH1 BFC B . -4.61 -8.15 -8.58
HH2 BFC B . -5.09 -8.25 -6.84
HI1 BFC B . -3.01 -9.32 -6.21
HI2 BFC B . -2.26 -9.01 -7.82
HJ1 BFC B . -3.76 -10.60 -8.89
HJ2 BFC B . -4.76 -10.76 -7.41
HK1 BFC B . -2.97 -11.87 -6.19
HK2 BFC B . -1.78 -11.52 -7.50
HL1 BFC B . -2.49 -13.88 -7.56
HL2 BFC B . -2.91 -13.02 -9.07
HM1 BFC B . -4.72 -14.59 -8.26
HM2 BFC B . -5.30 -12.90 -8.40
HM3 BFC B . -4.92 -13.59 -6.77
N GLU A 1 2.61 -2.43 -2.39
CA GLU A 1 3.21 -1.16 -2.08
C GLU A 1 2.28 -0.61 -1.05
N LEU A 2 2.27 -1.31 0.10
CA LEU A 2 1.43 -1.01 1.23
C LEU A 2 1.97 0.23 1.88
N DLE A 3 1.09 0.97 2.57
CA DLE A 3 1.37 2.34 2.94
CB DLE A 3 0.92 2.71 4.37
CG DLE A 3 1.69 1.97 5.48
CD1 DLE A 3 3.20 2.32 5.50
CD2 DLE A 3 1.07 2.23 6.86
C DLE A 3 0.61 3.16 1.94
O DLE A 3 -0.22 3.98 2.31
H DLE A 3 0.16 0.67 2.74
HA DLE A 3 2.42 2.56 2.81
HB2 DLE A 3 1.05 3.80 4.52
HB3 DLE A 3 -0.16 2.48 4.48
HG DLE A 3 1.62 0.87 5.29
HD11 DLE A 3 3.69 2.05 4.53
HD12 DLE A 3 3.72 1.76 6.31
HD13 DLE A 3 3.34 3.41 5.68
HD21 DLE A 3 1.63 1.68 7.65
HD22 DLE A 3 0.01 1.90 6.88
HD23 DLE A 3 1.10 3.32 7.11
N VAL A 4 0.89 2.95 0.64
CA VAL A 4 0.33 3.74 -0.41
C VAL A 4 -0.96 3.09 -0.85
N ASP A 5 -0.87 1.85 -1.34
CA ASP A 5 -1.95 1.26 -2.10
C ASP A 5 -2.77 0.34 -1.25
N DLE A 6 -2.34 0.08 -0.01
CA DLE A 6 -3.04 -0.82 0.88
CB DLE A 6 -2.96 -0.46 2.38
CG DLE A 6 -3.76 0.79 2.82
CD1 DLE A 6 -3.94 0.80 4.35
CD2 DLE A 6 -3.18 2.13 2.34
C DLE A 6 -2.44 -2.19 0.68
O DLE A 6 -1.93 -2.81 1.61
H DLE A 6 -1.51 0.53 0.34
HA DLE A 6 -4.08 -0.87 0.60
HB2 DLE A 6 -3.38 -1.32 2.96
HB3 DLE A 6 -1.89 -0.35 2.70
HG DLE A 6 -4.78 0.69 2.39
HD11 DLE A 6 -4.45 -0.11 4.70
HD12 DLE A 6 -4.54 1.68 4.66
HD13 DLE A 6 -2.94 0.87 4.85
HD21 DLE A 6 -3.78 2.97 2.74
HD22 DLE A 6 -3.21 2.21 1.23
HD23 DLE A 6 -2.14 2.26 2.68
N LEU A 7 -2.47 -2.69 -0.57
CA LEU A 7 -1.82 -3.91 -0.95
C LEU A 7 -0.45 -3.52 -1.44
C BFC B . 3.28 -3.60 -2.32
O BFC B . 4.49 -3.65 -2.13
CA BFC B . 2.49 -4.87 -2.46
CB BFC B . 1.64 -5.13 -1.20
OB BFC B . 0.42 -4.43 -1.26
CC BFC B . 1.38 -6.64 -1.05
CD BFC B . 0.82 -7.02 0.34
CE BFC B . 0.96 -8.51 0.70
CF BFC B . 2.41 -9.06 0.68
CG BFC B . 3.40 -8.33 1.61
CH BFC B . 4.88 -8.62 1.30
CI BFC B . 5.37 -7.96 0.01
CJ BFC B . 6.86 -8.19 -0.28
CK BFC B . 7.32 -7.62 -1.64
CL BFC B . 7.21 -6.10 -1.76
CM BFC B . 7.71 -5.55 -3.11
HA1 BFC B . 3.23 -5.70 -2.56
HA2 BFC B . 1.88 -4.87 -3.38
HB BFC B . 2.21 -4.81 -0.29
HC1 BFC B . 2.36 -7.15 -1.20
HC2 BFC B . 0.70 -7.01 -1.85
HD1 BFC B . -0.25 -6.74 0.37
HD2 BFC B . 1.34 -6.42 1.11
HE1 BFC B . 0.36 -9.11 -0.01
HE2 BFC B . 0.54 -8.66 1.71
HF1 BFC B . 2.78 -9.03 -0.36
HF2 BFC B . 2.37 -10.14 0.99
HG1 BFC B . 3.17 -8.60 2.67
HG2 BFC B . 3.27 -7.23 1.52
HH1 BFC B . 5.04 -9.73 1.26
HH2 BFC B . 5.49 -8.23 2.15
HI1 BFC B . 5.18 -6.87 0.08
HI2 BFC B . 4.78 -8.35 -0.85
HJ1 BFC B . 7.06 -9.28 -0.27
HJ2 BFC B . 7.48 -7.73 0.52
HK1 BFC B . 6.71 -8.10 -2.45
HK2 BFC B . 8.38 -7.92 -1.80
HL1 BFC B . 7.81 -5.63 -0.95
HL2 BFC B . 6.15 -5.79 -1.63
HM1 BFC B . 7.59 -4.45 -3.15
HM2 BFC B . 7.11 -5.98 -3.94
HM3 BFC B . 8.78 -5.81 -3.27
N GLU A 1 2.61 -2.44 -2.31
CA GLU A 1 3.11 -1.14 -1.95
C GLU A 1 2.16 -0.66 -0.88
N LEU A 2 2.30 -1.29 0.30
CA LEU A 2 1.48 -1.01 1.45
C LEU A 2 1.93 0.32 1.99
N DLE A 3 1.00 1.15 2.48
CA DLE A 3 1.29 2.52 2.83
CB DLE A 3 0.76 2.95 4.22
CG DLE A 3 1.33 2.15 5.41
CD1 DLE A 3 2.87 2.22 5.52
CD2 DLE A 3 0.68 2.60 6.74
C DLE A 3 0.62 3.34 1.77
O DLE A 3 -0.14 4.26 2.06
H DLE A 3 0.02 0.90 2.52
HA DLE A 3 2.35 2.71 2.78
HB2 DLE A 3 1.01 4.02 4.38
HB3 DLE A 3 -0.34 2.87 4.24
HG DLE A 3 1.06 1.07 5.26
HD11 DLE A 3 3.21 3.27 5.63
HD12 DLE A 3 3.35 1.79 4.60
HD13 DLE A 3 3.23 1.64 6.39
HD21 DLE A 3 1.05 1.97 7.58
HD22 DLE A 3 -0.42 2.48 6.68
HD23 DLE A 3 0.93 3.65 6.96
N VAL A 4 0.90 3.00 0.50
CA VAL A 4 0.42 3.75 -0.64
C VAL A 4 -0.91 3.18 -1.01
N ASP A 5 -0.93 1.90 -1.39
CA ASP A 5 -2.12 1.28 -1.94
C ASP A 5 -2.85 0.60 -0.83
N DLE A 6 -2.14 -0.24 -0.06
CA DLE A 6 -2.77 -1.10 0.91
CB DLE A 6 -2.40 -0.80 2.39
CG DLE A 6 -2.83 0.59 2.91
CD1 DLE A 6 -4.36 0.81 2.83
CD2 DLE A 6 -2.35 0.79 4.36
C DLE A 6 -2.30 -2.48 0.57
O DLE A 6 -1.83 -3.21 1.45
H DLE A 6 -1.17 -0.37 -0.22
HA DLE A 6 -3.85 -1.09 0.79
HB2 DLE A 6 -2.88 -1.58 3.03
HB3 DLE A 6 -1.30 -0.91 2.52
HG DLE A 6 -2.35 1.36 2.28
HD11 DLE A 6 -4.63 1.80 3.25
HD12 DLE A 6 -4.91 0.03 3.40
HD13 DLE A 6 -4.70 0.79 1.77
HD21 DLE A 6 -2.59 1.81 4.71
HD22 DLE A 6 -1.25 0.65 4.43
HD23 DLE A 6 -2.84 0.06 5.05
N LEU A 7 -2.37 -2.86 -0.72
CA LEU A 7 -1.78 -4.10 -1.19
C LEU A 7 -0.44 -3.70 -1.73
C BFC B . 3.29 -3.59 -2.11
O BFC B . 4.38 -3.61 -1.56
CA BFC B . 2.67 -4.86 -2.63
CB BFC B . 1.56 -5.44 -1.70
OB BFC B . 0.40 -4.67 -1.73
CC BFC B . 1.21 -6.90 -2.13
CD BFC B . 0.85 -7.05 -3.62
CE BFC B . 0.13 -8.36 -3.97
CF BFC B . -1.34 -8.37 -3.55
CG BFC B . -2.16 -9.51 -4.18
CH BFC B . -3.67 -9.32 -3.95
CI BFC B . -4.52 -10.33 -4.74
CJ BFC B . -6.04 -10.14 -4.57
CK BFC B . -6.58 -8.80 -5.11
CL BFC B . -8.11 -8.67 -5.06
CM BFC B . -8.87 -9.60 -6.00
HA1 BFC B . 3.49 -5.62 -2.70
HA2 BFC B . 2.28 -4.69 -3.65
HB BFC B . 1.95 -5.47 -0.66
HC1 BFC B . 0.37 -7.24 -1.50
HC2 BFC B . 2.08 -7.56 -1.92
HD1 BFC B . 1.79 -7.00 -4.22
HD2 BFC B . 0.19 -6.20 -3.93
HE1 BFC B . 0.67 -9.23 -3.53
HE2 BFC B . 0.17 -8.48 -5.08
HF1 BFC B . -1.80 -7.42 -3.90
HF2 BFC B . -1.43 -8.42 -2.45
HG1 BFC B . -1.83 -10.49 -3.78
HG2 BFC B . -1.98 -9.51 -5.28
HH1 BFC B . -3.95 -8.30 -4.26
HH2 BFC B . -3.89 -9.44 -2.85
HI1 BFC B . -4.26 -11.36 -4.41
HI2 BFC B . -4.27 -10.25 -5.82
HJ1 BFC B . -6.31 -10.24 -3.50
HJ2 BFC B . -6.54 -10.98 -5.12
HK1 BFC B . -6.24 -8.67 -6.17
HK2 BFC B . -6.14 -7.98 -4.50
HL1 BFC B . -8.37 -7.62 -5.31
HL2 BFC B . -8.45 -8.86 -4.02
HM1 BFC B . -9.97 -9.42 -5.92
HM2 BFC B . -8.67 -10.66 -5.76
HM3 BFC B . -8.56 -9.43 -7.06
N GLU A 1 2.54 -2.19 -2.13
CA GLU A 1 3.26 -1.15 -1.46
C GLU A 1 2.32 -0.57 -0.45
N LEU A 2 2.42 -1.09 0.78
CA LEU A 2 1.53 -0.74 1.86
C LEU A 2 1.85 0.64 2.32
N DLE A 3 0.80 1.42 2.63
CA DLE A 3 0.91 2.81 2.99
CB DLE A 3 0.13 3.21 4.27
CG DLE A 3 -1.36 2.78 4.34
CD1 DLE A 3 -1.57 1.36 4.90
CD2 DLE A 3 -2.17 3.80 5.19
C DLE A 3 0.43 3.57 1.80
O DLE A 3 -0.30 4.55 1.92
H DLE A 3 -0.13 1.10 2.56
HA DLE A 3 1.96 3.07 3.12
HB2 DLE A 3 0.66 2.78 5.15
HB3 DLE A 3 0.19 4.31 4.36
HG DLE A 3 -1.79 2.82 3.31
HD11 DLE A 3 -2.66 1.11 4.90
HD12 DLE A 3 -1.19 1.28 5.94
HD13 DLE A 3 -1.04 0.60 4.28
HD21 DLE A 3 -3.25 3.52 5.20
HD22 DLE A 3 -2.07 4.81 4.74
HD23 DLE A 3 -1.80 3.83 6.22
N VAL A 4 0.85 3.13 0.60
CA VAL A 4 0.54 3.81 -0.64
C VAL A 4 -0.73 3.23 -1.16
N ASP A 5 -0.72 1.92 -1.41
CA ASP A 5 -1.87 1.23 -1.93
C ASP A 5 -2.57 0.61 -0.78
N DLE A 6 -1.84 -0.28 -0.10
CA DLE A 6 -2.41 -1.39 0.61
CB DLE A 6 -2.40 -1.23 2.15
CG DLE A 6 -2.99 -2.41 2.98
CD1 DLE A 6 -2.91 -2.10 4.48
CD2 DLE A 6 -4.43 -2.77 2.57
C DLE A 6 -1.43 -2.40 0.10
O DLE A 6 -0.41 -2.00 -0.44
H DLE A 6 -0.88 -0.47 -0.34
HA DLE A 6 -3.40 -1.60 0.22
HB2 DLE A 6 -1.36 -1.06 2.49
HB3 DLE A 6 -2.99 -0.32 2.40
HG DLE A 6 -2.35 -3.30 2.80
HD11 DLE A 6 -1.87 -1.86 4.78
HD12 DLE A 6 -3.24 -2.98 5.08
HD13 DLE A 6 -3.55 -1.23 4.73
HD21 DLE A 6 -4.49 -3.10 1.51
HD22 DLE A 6 -5.10 -1.89 2.70
HD23 DLE A 6 -4.81 -3.58 3.21
N LEU A 7 -1.69 -3.72 0.22
CA LEU A 7 -0.73 -4.69 -0.28
C LEU A 7 -1.10 -4.92 -1.73
C BFC B . 2.82 -3.51 -1.99
O BFC B . 3.58 -3.92 -1.11
CA BFC B . 2.25 -4.46 -3.00
CB BFC B . 0.77 -4.17 -3.44
OB BFC B . -0.14 -4.68 -2.51
CC BFC B . 0.57 -4.89 -4.80
CD BFC B . -0.80 -4.63 -5.44
CE BFC B . -0.93 -5.23 -6.85
CF BFC B . -2.23 -4.83 -7.56
CG BFC B . -3.49 -5.49 -7.00
CH BFC B . -4.81 -4.79 -7.39
CI BFC B . -5.02 -3.40 -6.77
CJ BFC B . -5.16 -3.41 -5.24
CK BFC B . -5.28 -2.00 -4.63
CL BFC B . -5.60 -2.01 -3.13
CM BFC B . -4.60 -2.76 -2.25
HA1 BFC B . 2.31 -5.50 -2.60
HA2 BFC B . 2.89 -4.42 -3.90
HB BFC B . 0.62 -3.09 -3.58
HC1 BFC B . 0.72 -5.98 -4.67
HC2 BFC B . 1.35 -4.52 -5.51
HD1 BFC B . -0.96 -3.53 -5.51
HD2 BFC B . -1.59 -5.05 -4.78
HE1 BFC B . -0.87 -6.34 -6.79
HE2 BFC B . -0.07 -4.87 -7.46
HF1 BFC B . -2.15 -5.09 -8.64
HF2 BFC B . -2.32 -3.72 -7.49
HG1 BFC B . -3.45 -5.54 -5.88
HG2 BFC B . -3.53 -6.54 -7.36
HH1 BFC B . -5.67 -5.44 -7.09
HH2 BFC B . -4.84 -4.70 -8.50
HI1 BFC B . -5.94 -2.95 -7.21
HI2 BFC B . -4.17 -2.74 -7.06
HJ1 BFC B . -4.28 -3.91 -4.79
HJ2 BFC B . -6.07 -4.00 -4.97
HK1 BFC B . -6.07 -1.45 -5.16
HK2 BFC B . -4.32 -1.46 -4.79
HL1 BFC B . -6.61 -2.46 -2.99
HL2 BFC B . -5.66 -0.96 -2.78
HM1 BFC B . -3.58 -2.35 -2.38
HM2 BFC B . -4.58 -3.84 -2.49
HM3 BFC B . -4.88 -2.65 -1.18
N GLU A 1 2.59 -2.50 -2.27
CA GLU A 1 3.01 -1.17 -1.94
C GLU A 1 2.03 -0.72 -0.90
N LEU A 2 2.16 -1.34 0.28
CA LEU A 2 1.39 -0.98 1.45
C LEU A 2 1.93 0.34 1.93
N DLE A 3 1.05 1.16 2.55
CA DLE A 3 1.37 2.53 2.83
CB DLE A 3 0.90 2.99 4.23
CG DLE A 3 1.52 2.21 5.41
CD1 DLE A 3 3.07 2.31 5.44
CD2 DLE A 3 0.91 2.63 6.76
C DLE A 3 0.65 3.33 1.79
O DLE A 3 -0.15 4.20 2.09
H DLE A 3 0.11 0.89 2.73
HA DLE A 3 2.42 2.72 2.72
HB2 DLE A 3 1.15 4.07 4.36
HB3 DLE A 3 -0.21 2.91 4.30
HG DLE A 3 1.27 1.13 5.27
HD11 DLE A 3 3.52 1.88 4.53
HD12 DLE A 3 3.46 1.75 6.31
HD13 DLE A 3 3.38 3.37 5.54
HD21 DLE A 3 -0.19 2.49 6.74
HD22 DLE A 3 1.12 3.71 6.96
HD23 DLE A 3 1.33 2.03 7.59
N VAL A 4 0.94 3.02 0.50
CA VAL A 4 0.43 3.75 -0.63
C VAL A 4 -0.91 3.19 -0.97
N ASP A 5 -0.95 1.90 -1.37
CA ASP A 5 -2.13 1.31 -1.92
C ASP A 5 -2.87 0.61 -0.82
N DLE A 6 -2.14 -0.23 -0.05
CA DLE A 6 -2.74 -1.11 0.92
CB DLE A 6 -2.39 -0.80 2.40
CG DLE A 6 -2.80 0.60 2.91
CD1 DLE A 6 -4.32 0.85 2.82
CD2 DLE A 6 -2.29 0.84 4.34
C DLE A 6 -2.22 -2.47 0.56
O DLE A 6 -1.73 -3.21 1.41
H DLE A 6 -1.16 -0.35 -0.23
HA DLE A 6 -3.82 -1.12 0.79
HB2 DLE A 6 -2.88 -1.56 3.04
HB3 DLE A 6 -1.29 -0.92 2.55
HG DLE A 6 -2.30 1.36 2.25
HD11 DLE A 6 -4.56 1.86 3.21
HD12 DLE A 6 -4.86 0.10 3.43
HD13 DLE A 6 -4.67 0.79 1.77
HD21 DLE A 6 -1.19 0.68 4.41
HD22 DLE A 6 -2.79 0.13 5.04
HD23 DLE A 6 -2.52 1.87 4.66
N LEU A 7 -2.32 -2.81 -0.74
CA LEU A 7 -1.78 -4.05 -1.26
C LEU A 7 -0.42 -3.68 -1.79
C BFC B . 3.32 -3.60 -2.03
O BFC B . 4.42 -3.56 -1.47
CA BFC B . 2.74 -4.89 -2.50
CB BFC B . 1.57 -5.44 -1.64
OB BFC B . 0.47 -4.57 -1.56
CC BFC B . 2.07 -5.82 -0.24
CD BFC B . 1.09 -6.66 0.61
CE BFC B . 0.96 -8.12 0.14
CF BFC B . -0.05 -8.98 0.91
CG BFC B . 0.26 -9.18 2.41
CH BFC B . -0.47 -8.20 3.34
CI BFC B . -0.15 -8.44 4.82
CJ BFC B . -0.99 -7.60 5.80
CK BFC B . -0.80 -6.08 5.67
CL BFC B . -1.60 -5.26 6.69
CM BFC B . -1.19 -5.45 8.15
HA1 BFC B . 3.55 -5.66 -2.51
HA2 BFC B . 2.40 -4.78 -3.56
HB BFC B . 1.22 -6.34 -2.18
HC1 BFC B . 2.31 -4.89 0.32
HC2 BFC B . 3.03 -6.39 -0.34
HD1 BFC B . 0.09 -6.17 0.61
HD2 BFC B . 1.47 -6.67 1.66
HE1 BFC B . 1.97 -8.60 0.20
HE2 BFC B . 0.66 -8.13 -0.93
HF1 BFC B . -0.04 -9.98 0.43
HF2 BFC B . -1.07 -8.57 0.80
HG1 BFC B . 1.36 -9.14 2.58
HG2 BFC B . -0.08 -10.21 2.68
HH1 BFC B . -1.57 -8.32 3.19
HH2 BFC B . -0.21 -7.16 3.07
HI1 BFC B . 0.92 -8.23 5.01
HI2 BFC B . -0.34 -9.52 5.06
HJ1 BFC B . -0.72 -7.91 6.83
HJ2 BFC B . -2.07 -7.84 5.64
HK1 BFC B . -1.11 -5.76 4.65
HK2 BFC B . 0.28 -5.84 5.79
HL1 BFC B . -2.68 -5.51 6.57
HL2 BFC B . -1.48 -4.19 6.43
HM1 BFC B . -1.79 -4.78 8.81
HM2 BFC B . -0.12 -5.22 8.28
HM3 BFC B . -1.38 -6.50 8.48
N GLU A 1 2.56 -2.31 -2.44
CA GLU A 1 3.34 -1.23 -1.89
C GLU A 1 2.42 -0.70 -0.84
N LEU A 2 2.50 -1.33 0.34
CA LEU A 2 1.56 -1.13 1.40
C LEU A 2 1.81 0.22 2.01
N DLE A 3 0.75 0.84 2.55
CA DLE A 3 0.82 2.20 3.05
CB DLE A 3 -0.04 2.42 4.32
CG DLE A 3 0.31 1.47 5.50
CD1 DLE A 3 1.77 1.62 5.96
CD2 DLE A 3 -0.66 1.68 6.68
C DLE A 3 0.32 3.10 1.95
O DLE A 3 -0.46 4.02 2.21
H DLE A 3 -0.14 0.40 2.60
HA DLE A 3 1.85 2.47 3.24
HB2 DLE A 3 0.08 3.47 4.66
HB3 DLE A 3 -1.11 2.26 4.06
HG DLE A 3 0.17 0.42 5.15
HD11 DLE A 3 1.98 2.66 6.29
HD12 DLE A 3 2.48 1.35 5.15
HD13 DLE A 3 1.97 0.94 6.82
HD21 DLE A 3 -1.71 1.51 6.35
HD22 DLE A 3 -0.58 2.71 7.07
HD23 DLE A 3 -0.44 0.97 7.50
N VAL A 4 0.77 2.84 0.72
CA VAL A 4 0.42 3.63 -0.43
C VAL A 4 -0.82 3.03 -1.02
N ASP A 5 -0.72 1.76 -1.48
CA ASP A 5 -1.76 1.12 -2.24
C ASP A 5 -2.58 0.25 -1.34
N DLE A 6 -2.26 0.23 -0.03
CA DLE A 6 -2.97 -0.60 0.92
CB DLE A 6 -3.03 -0.03 2.37
CG DLE A 6 -4.03 1.12 2.60
CD1 DLE A 6 -4.25 1.36 4.10
CD2 DLE A 6 -3.67 2.44 1.89
C DLE A 6 -2.24 -1.92 0.92
O DLE A 6 -1.57 -2.28 1.89
H DLE A 6 -1.51 0.80 0.31
HA DLE A 6 -3.98 -0.77 0.57
HB2 DLE A 6 -3.35 -0.86 3.04
HB3 DLE A 6 -2.02 0.28 2.70
HG DLE A 6 -5.01 0.78 2.18
HD11 DLE A 6 -4.60 0.44 4.61
HD12 DLE A 6 -5.02 2.16 4.26
HD13 DLE A 6 -3.31 1.70 4.58
HD21 DLE A 6 -3.65 2.32 0.78
HD22 DLE A 6 -2.67 2.80 2.22
HD23 DLE A 6 -4.42 3.22 2.12
N LEU A 7 -2.35 -2.64 -0.21
CA LEU A 7 -1.67 -3.87 -0.49
C LEU A 7 -0.44 -3.50 -1.27
C BFC B . 3.10 -3.53 -2.67
O BFC B . 4.30 -3.74 -2.54
CA BFC B . 2.17 -4.64 -3.09
CB BFC B . 1.45 -5.27 -1.87
OB BFC B . 0.38 -4.48 -1.44
CC BFC B . 0.94 -6.68 -2.28
CD BFC B . 0.42 -7.50 -1.10
CE BFC B . -0.16 -8.86 -1.52
CF BFC B . -0.74 -9.67 -0.35
CG BFC B . -1.30 -11.04 -0.79
CH BFC B . -1.97 -11.83 0.34
CI BFC B . -1.02 -12.26 1.48
CJ BFC B . -1.69 -13.07 2.58
CK BFC B . -2.19 -14.46 2.15
CL BFC B . -2.77 -15.29 3.30
CM BFC B . -3.26 -16.68 2.89
HA1 BFC B . 2.81 -5.42 -3.57
HA2 BFC B . 1.43 -4.28 -3.84
HB BFC B . 2.19 -5.39 -1.04
HC1 BFC B . 1.78 -7.25 -2.74
HC2 BFC B . 0.14 -6.57 -3.05
HD1 BFC B . -0.38 -6.94 -0.57
HD2 BFC B . 1.24 -7.67 -0.37
HE1 BFC B . 0.65 -9.46 -2.02
HE2 BFC B . -0.96 -8.70 -2.28
HF1 BFC B . -1.56 -9.08 0.12
HF2 BFC B . 0.06 -9.82 0.40
HG1 BFC B . -0.47 -11.64 -1.22
HG2 BFC B . -2.05 -10.87 -1.58
HH1 BFC B . -2.42 -12.74 -0.11
HH2 BFC B . -2.80 -11.22 0.77
HI1 BFC B . -0.59 -11.35 1.94
HI2 BFC B . -0.19 -12.85 1.04
HJ1 BFC B . -2.55 -12.49 3.00
HJ2 BFC B . -0.95 -13.21 3.41
HK1 BFC B . -1.33 -15.02 1.70
HK2 BFC B . -2.97 -14.35 1.37
HL1 BFC B . -3.62 -14.72 3.75
HL2 BFC B . -1.98 -15.40 4.09
HM1 BFC B . -3.67 -17.22 3.76
HM2 BFC B . -2.42 -17.28 2.46
HM3 BFC B . -4.07 -16.59 2.12
N GLU A 1 2.60 -2.43 -2.06
CA GLU A 1 3.11 -1.09 -1.90
C GLU A 1 2.24 -0.59 -0.79
N LEU A 2 2.35 -1.29 0.35
CA LEU A 2 1.53 -1.12 1.52
C LEU A 2 2.00 0.14 2.17
N DLE A 3 1.10 1.14 2.21
CA DLE A 3 1.47 2.48 2.59
CB DLE A 3 1.01 2.84 4.03
CG DLE A 3 1.56 4.17 4.60
CD1 DLE A 3 0.95 4.47 5.98
CD2 DLE A 3 3.10 4.19 4.68
C DLE A 3 0.75 3.30 1.56
O DLE A 3 0.05 4.26 1.86
H DLE A 3 0.18 1.03 1.87
HA DLE A 3 2.52 2.62 2.46
HB2 DLE A 3 -0.10 2.87 4.08
HB3 DLE A 3 1.35 2.02 4.71
HG DLE A 3 1.25 4.99 3.91
HD11 DLE A 3 1.30 5.46 6.36
HD12 DLE A 3 1.22 3.69 6.71
HD13 DLE A 3 -0.17 4.52 5.90
HD21 DLE A 3 3.55 4.11 3.66
HD22 DLE A 3 3.48 3.36 5.30
HD23 DLE A 3 3.45 5.15 5.13
N VAL A 4 0.91 2.90 0.28
CA VAL A 4 0.37 3.62 -0.84
C VAL A 4 -0.99 3.05 -1.10
N ASP A 5 -1.05 1.76 -1.48
CA ASP A 5 -2.28 1.19 -1.98
C ASP A 5 -3.00 0.52 -0.85
N DLE A 6 -2.28 -0.29 -0.06
CA DLE A 6 -2.89 -1.11 0.97
CB DLE A 6 -2.51 -0.74 2.42
CG DLE A 6 -3.19 0.53 3.02
CD1 DLE A 6 -2.68 1.86 2.44
CD2 DLE A 6 -4.73 0.45 3.00
C DLE A 6 -2.37 -2.48 0.64
O DLE A 6 -1.87 -3.21 1.50
H DLE A 6 -1.30 -0.45 -0.24
HA DLE A 6 -3.96 -1.13 0.85
HB2 DLE A 6 -2.80 -1.59 3.09
HB3 DLE A 6 -1.41 -0.62 2.50
HG DLE A 6 -2.88 0.54 4.11
HD11 DLE A 6 -1.58 1.92 2.46
HD12 DLE A 6 -3.08 2.71 3.03
HD13 DLE A 6 -3.03 2.00 1.39
HD21 DLE A 6 -5.17 1.29 3.58
HD22 DLE A 6 -5.07 -0.50 3.46
HD23 DLE A 6 -5.10 0.51 1.96
N LEU A 7 -2.43 -2.84 -0.65
CA LEU A 7 -1.77 -3.99 -1.19
C LEU A 7 -0.45 -3.47 -1.67
C BFC B . 3.36 -3.53 -1.92
O BFC B . 4.58 -3.46 -1.82
CA BFC B . 2.70 -4.89 -1.84
CB BFC B . 1.40 -5.08 -2.69
OB BFC B . 0.32 -4.37 -2.15
CC BFC B . 1.02 -6.58 -2.73
CD BFC B . 0.70 -7.19 -1.35
CE BFC B . -0.26 -8.38 -1.42
CF BFC B . -0.66 -8.94 -0.03
CG BFC B . -1.35 -7.91 0.88
CH BFC B . -1.93 -8.54 2.16
CI BFC B . -2.37 -7.52 3.22
CJ BFC B . -3.45 -6.53 2.74
CK BFC B . -3.98 -5.60 3.86
CL BFC B . -2.90 -4.70 4.49
CM BFC B . -3.46 -3.62 5.41
HA1 BFC B . 2.48 -5.13 -0.77
HA2 BFC B . 3.45 -5.64 -2.20
HB BFC B . 1.60 -4.73 -3.73
HC1 BFC B . 1.84 -7.16 -3.20
HC2 BFC B . 0.12 -6.69 -3.38
HD1 BFC B . 0.22 -6.40 -0.73
HD2 BFC B . 1.64 -7.49 -0.84
HE1 BFC B . 0.23 -9.21 -2.00
HE2 BFC B . -1.18 -8.08 -1.95
HF1 BFC B . 0.24 -9.34 0.48
HF2 BFC B . -1.36 -9.79 -0.21
HG1 BFC B . -2.16 -7.42 0.32
HG2 BFC B . -0.60 -7.15 1.18
HH1 BFC B . -1.15 -9.19 2.61
HH2 BFC B . -2.79 -9.19 1.90
HI1 BFC B . -1.47 -6.94 3.54
HI2 BFC B . -2.75 -8.07 4.10
HJ1 BFC B . -4.30 -7.12 2.33
HJ2 BFC B . -3.04 -5.90 1.92
HK1 BFC B . -4.46 -6.21 4.65
HK2 BFC B . -4.76 -4.95 3.40
HL1 BFC B . -2.33 -4.21 3.67
HL2 BFC B . -2.20 -5.33 5.06
HM1 BFC B . -4.01 -4.07 6.26
HM2 BFC B . -4.16 -2.95 4.85
HM3 BFC B . -2.64 -2.99 5.81
N GLU A 1 2.60 -2.44 -2.26
CA GLU A 1 2.99 -1.09 -1.96
C GLU A 1 2.05 -0.68 -0.87
N LEU A 2 2.22 -1.35 0.28
CA LEU A 2 1.46 -1.13 1.48
C LEU A 2 1.96 0.16 2.06
N DLE A 3 1.04 1.06 2.44
CA DLE A 3 1.39 2.44 2.74
CB DLE A 3 0.90 2.93 4.12
CG DLE A 3 1.50 2.19 5.34
CD1 DLE A 3 3.04 2.22 5.36
CD2 DLE A 3 0.92 2.73 6.66
C DLE A 3 0.71 3.24 1.68
O DLE A 3 0.02 4.21 1.97
H DLE A 3 0.07 0.87 2.41
HA DLE A 3 2.45 2.59 2.63
HB2 DLE A 3 1.16 4.02 4.21
HB3 DLE A 3 -0.21 2.87 4.17
HG DLE A 3 1.18 1.13 5.25
HD11 DLE A 3 3.42 1.69 6.26
HD12 DLE A 3 3.41 3.27 5.39
HD13 DLE A 3 3.46 1.72 4.47
HD21 DLE A 3 -0.19 2.64 6.66
HD22 DLE A 3 1.19 3.80 6.81
HD23 DLE A 3 1.31 2.15 7.52
N VAL A 4 0.91 2.85 0.41
CA VAL A 4 0.44 3.62 -0.72
C VAL A 4 -0.94 3.13 -1.04
N ASP A 5 -1.05 1.85 -1.43
CA ASP A 5 -2.28 1.31 -1.96
C ASP A 5 -3.01 0.60 -0.87
N DLE A 6 -2.26 -0.18 -0.07
CA DLE A 6 -2.84 -1.05 0.92
CB DLE A 6 -2.54 -0.68 2.40
CG DLE A 6 -3.26 0.56 2.98
CD1 DLE A 6 -2.77 1.92 2.43
CD2 DLE A 6 -4.79 0.45 2.88
C DLE A 6 -2.22 -2.37 0.60
O DLE A 6 -1.58 -3.00 1.44
H DLE A 6 -1.28 -0.27 -0.22
HA DLE A 6 -3.92 -1.14 0.77
HB2 DLE A 6 -2.81 -1.55 3.04
HB3 DLE A 6 -1.44 -0.53 2.51
HG DLE A 6 -3.02 0.57 4.07
HD11 DLE A 6 -3.09 2.07 1.39
HD12 DLE A 6 -1.65 1.97 2.48
HD13 DLE A 6 -3.17 2.75 3.04
HD21 DLE A 6 -5.13 0.51 1.82
HD22 DLE A 6 -5.28 1.28 3.44
HD23 DLE A 6 -5.15 -0.51 3.32
N LEU A 7 -2.34 -2.80 -0.67
CA LEU A 7 -1.75 -4.01 -1.16
C LEU A 7 -0.43 -3.59 -1.78
C BFC B . 3.38 -3.51 -2.04
O BFC B . 4.49 -3.43 -1.53
CA BFC B . 2.80 -4.84 -2.44
CB BFC B . 1.58 -5.31 -1.58
OB BFC B . 0.44 -4.51 -1.75
CC BFC B . 1.92 -5.43 -0.07
CD BFC B . 3.05 -6.42 0.24
CE BFC B . 3.26 -6.63 1.75
CF BFC B . 4.63 -6.15 2.27
CG BFC B . 4.77 -4.62 2.39
CH BFC B . 6.16 -4.20 2.87
CI BFC B . 6.25 -2.75 3.37
CJ BFC B . 5.84 -1.67 2.36
CK BFC B . 6.62 -1.69 1.04
CL BFC B . 6.35 -0.45 0.18
CM BFC B . 7.01 -0.47 -1.20
HA1 BFC B . 3.61 -5.60 -2.36
HA2 BFC B . 2.51 -4.80 -3.51
HB BFC B . 1.33 -6.31 -1.97
HC1 BFC B . 1.01 -5.77 0.46
HC2 BFC B . 2.19 -4.43 0.33
HD1 BFC B . 4.00 -6.07 -0.21
HD2 BFC B . 2.80 -7.41 -0.21
HE1 BFC B . 3.20 -7.73 1.95
HE2 BFC B . 2.45 -6.15 2.34
HF1 BFC B . 5.43 -6.55 1.62
HF2 BFC B . 4.79 -6.59 3.29
HG1 BFC B . 4.01 -4.27 3.11
HG2 BFC B . 4.56 -4.15 1.40
HH1 BFC B . 6.90 -4.36 2.06
HH2 BFC B . 6.45 -4.86 3.73
HI1 BFC B . 7.29 -2.54 3.69
HI2 BFC B . 5.59 -2.64 4.27
HJ1 BFC B . 5.97 -0.67 2.84
HJ2 BFC B . 4.74 -1.76 2.12
HK1 BFC B . 6.34 -2.59 0.46
HK2 BFC B . 7.71 -1.74 1.27
HL1 BFC B . 6.68 0.46 0.73
HL2 BFC B . 5.24 -0.35 0.04
HM1 BFC B . 6.68 -1.36 -1.78
HM2 BFC B . 8.12 -0.53 -1.09
HM3 BFC B . 6.76 0.44 -1.77
N GLU A 1 2.63 -2.49 -2.09
CA GLU A 1 3.12 -1.14 -1.92
C GLU A 1 2.20 -0.62 -0.86
N LEU A 2 2.23 -1.33 0.29
CA LEU A 2 1.42 -1.03 1.44
C LEU A 2 1.98 0.22 2.05
N DLE A 3 1.07 1.14 2.42
CA DLE A 3 1.46 2.50 2.70
CB DLE A 3 1.04 2.98 4.11
CG DLE A 3 1.65 2.15 5.27
CD1 DLE A 3 3.19 2.15 5.28
CD2 DLE A 3 1.08 2.61 6.63
C DLE A 3 0.74 3.30 1.66
O DLE A 3 0.03 4.25 1.97
H DLE A 3 0.10 0.99 2.38
HA DLE A 3 2.52 2.65 2.55
HB2 DLE A 3 1.35 4.04 4.23
HB3 DLE A 3 -0.07 2.96 4.19
HG DLE A 3 1.31 1.09 5.13
HD11 DLE A 3 3.57 3.19 5.38
HD12 DLE A 3 3.59 1.71 4.35
HD13 DLE A 3 3.56 1.55 6.14
HD21 DLE A 3 -0.03 2.54 6.63
HD22 DLE A 3 1.37 3.67 6.84
HD23 DLE A 3 1.48 1.98 7.45
N VAL A 4 0.92 2.92 0.38
CA VAL A 4 0.38 3.63 -0.75
C VAL A 4 -0.97 3.06 -1.03
N ASP A 5 -1.02 1.79 -1.47
CA ASP A 5 -2.22 1.22 -2.00
C ASP A 5 -2.97 0.52 -0.92
N DLE A 6 -2.25 -0.27 -0.09
CA DLE A 6 -2.88 -1.07 0.94
CB DLE A 6 -2.47 -0.68 2.39
CG DLE A 6 -2.84 0.77 2.78
CD1 DLE A 6 -4.34 1.08 2.68
CD2 DLE A 6 -2.33 1.09 4.20
C DLE A 6 -2.40 -2.47 0.66
O DLE A 6 -1.98 -3.20 1.56
H DLE A 6 -1.28 -0.43 -0.25
HA DLE A 6 -3.95 -1.06 0.84
HB2 DLE A 6 -2.98 -1.37 3.09
HB3 DLE A 6 -1.38 -0.82 2.52
HG DLE A 6 -2.31 1.46 2.08
HD11 DLE A 6 -4.93 0.40 3.33
HD12 DLE A 6 -4.69 0.96 1.63
HD13 DLE A 6 -4.54 2.13 2.99
HD21 DLE A 6 -2.50 2.17 4.45
HD22 DLE A 6 -1.23 0.90 4.29
HD23 DLE A 6 -2.85 0.47 4.96
N LEU A 7 -2.42 -2.84 -0.63
CA LEU A 7 -1.76 -4.01 -1.14
C LEU A 7 -0.44 -3.49 -1.64
C BFC B . 3.42 -3.58 -1.94
O BFC B . 4.64 -3.48 -1.79
CA BFC B . 2.77 -4.95 -1.90
CB BFC B . 1.39 -5.14 -2.62
OB BFC B . 0.36 -4.41 -2.03
CC BFC B . 1.46 -4.86 -4.14
CD BFC B . 2.40 -5.75 -4.96
CE BFC B . 2.02 -7.25 -4.96
CF BFC B . 2.87 -8.08 -5.92
CG BFC B . 2.66 -9.60 -5.82
CH BFC B . 1.23 -10.13 -6.08
CI BFC B . 0.78 -10.20 -7.57
CJ BFC B . 0.24 -8.90 -8.20
CK BFC B . -1.05 -8.37 -7.54
CL BFC B . -1.56 -7.09 -8.21
CM BFC B . -2.76 -6.47 -7.51
HA1 BFC B . 2.65 -5.23 -0.83
HA2 BFC B . 3.49 -5.66 -2.34
HB BFC B . 1.14 -6.21 -2.49
HC1 BFC B . 1.75 -3.80 -4.31
HC2 BFC B . 0.43 -4.97 -4.57
HD1 BFC B . 3.44 -5.63 -4.61
HD2 BFC B . 2.36 -5.39 -6.02
HE1 BFC B . 0.96 -7.34 -5.25
HE2 BFC B . 2.14 -7.66 -3.94
HF1 BFC B . 3.95 -7.88 -5.70
HF2 BFC B . 2.70 -7.75 -6.97
HG1 BFC B . 2.93 -9.90 -4.78
HG2 BFC B . 3.36 -10.12 -6.51
HH1 BFC B . 0.49 -9.60 -5.47
HH2 BFC B . 1.23 -11.20 -5.73
HI1 BFC B . -0.03 -10.97 -7.64
HI2 BFC B . 1.64 -10.57 -8.17
HJ1 BFC B . 0.03 -9.11 -9.27
HJ2 BFC B . 1.03 -8.11 -8.15
HK1 BFC B . -0.85 -8.16 -6.46
HK2 BFC B . -1.83 -9.16 -7.60
HL1 BFC B . -1.82 -7.31 -9.27
HL2 BFC B . -0.73 -6.34 -8.21
HM1 BFC B . -3.10 -5.55 -8.05
HM2 BFC B . -2.52 -6.19 -6.46
HM3 BFC B . -3.62 -7.19 -7.49
N GLU A 1 2.62 -2.62 -2.16
CA GLU A 1 3.12 -1.27 -2.07
C GLU A 1 2.23 -0.71 -1.00
N LEU A 2 2.35 -1.32 0.19
CA LEU A 2 1.56 -1.01 1.35
C LEU A 2 1.83 0.40 1.81
N DLE A 3 0.81 1.02 2.43
CA DLE A 3 0.88 2.38 2.93
CB DLE A 3 -0.03 2.59 4.19
CG DLE A 3 0.51 2.07 5.56
CD1 DLE A 3 1.47 0.87 5.51
CD2 DLE A 3 1.14 3.23 6.37
C DLE A 3 0.34 3.23 1.81
O DLE A 3 -0.56 4.05 2.00
H DLE A 3 -0.07 0.58 2.56
HA DLE A 3 1.90 2.66 3.12
HB2 DLE A 3 -0.23 3.67 4.31
HB3 DLE A 3 -1.01 2.09 3.99
HG DLE A 3 -0.38 1.75 6.14
HD11 DLE A 3 0.98 0.01 4.98
HD12 DLE A 3 1.72 0.53 6.54
HD13 DLE A 3 2.41 1.13 4.99
HD21 DLE A 3 0.38 4.03 6.55
HD22 DLE A 3 2.00 3.67 5.83
HD23 DLE A 3 1.49 2.87 7.35
N VAL A 4 0.90 3.04 0.60
CA VAL A 4 0.52 3.76 -0.59
C VAL A 4 -0.79 3.21 -1.07
N ASP A 5 -0.83 1.90 -1.39
CA ASP A 5 -2.04 1.29 -1.87
C ASP A 5 -2.72 0.64 -0.71
N DLE A 6 -2.01 -0.26 0.00
CA DLE A 6 -2.60 -1.06 1.04
CB DLE A 6 -2.13 -0.65 2.46
CG DLE A 6 -2.97 -1.22 3.63
CD1 DLE A 6 -2.26 -0.97 4.97
CD2 DLE A 6 -4.40 -0.64 3.66
C DLE A 6 -2.20 -2.47 0.72
O DLE A 6 -1.70 -3.20 1.57
H DLE A 6 -1.06 -0.44 -0.26
HA DLE A 6 -3.69 -0.99 0.97
HB2 DLE A 6 -1.09 -0.98 2.60
HB3 DLE A 6 -2.15 0.46 2.53
HG DLE A 6 -3.05 -2.32 3.50
HD11 DLE A 6 -1.24 -1.41 4.96
HD12 DLE A 6 -2.83 -1.42 5.81
HD13 DLE A 6 -2.16 0.13 5.17
HD21 DLE A 6 -4.38 0.46 3.84
HD22 DLE A 6 -4.99 -1.12 4.48
HD23 DLE A 6 -4.94 -0.82 2.71
N LEU A 7 -2.35 -2.85 -0.56
CA LEU A 7 -1.80 -4.06 -1.12
C LEU A 7 -0.50 -3.60 -1.72
C BFC B . 3.36 -3.71 -1.91
O BFC B . 4.58 -3.65 -1.75
CA BFC B . 2.66 -5.05 -1.78
CB BFC B . 1.36 -5.28 -2.61
OB BFC B . 0.27 -4.54 -2.15
CC BFC B . 1.64 -5.01 -4.12
CD BFC B . 0.60 -5.59 -5.09
CE BFC B . 0.83 -7.08 -5.44
CF BFC B . -0.20 -7.66 -6.42
CG BFC B . -0.18 -7.02 -7.83
CH BFC B . -1.06 -7.74 -8.86
CI BFC B . -2.57 -7.55 -8.66
CJ BFC B . -3.45 -8.39 -9.59
CK BFC B . -3.31 -8.05 -11.08
CL BFC B . -4.35 -8.75 -11.98
CM BFC B . -4.34 -10.27 -11.93
HA1 BFC B . 2.42 -5.22 -0.70
HA2 BFC B . 3.40 -5.82 -2.07
HB BFC B . 1.12 -6.34 -2.48
HC1 BFC B . 2.64 -5.42 -4.39
HC2 BFC B . 1.68 -3.92 -4.29
HD1 BFC B . 0.67 -5.00 -6.03
HD2 BFC B . -0.41 -5.45 -4.67
HE1 BFC B . 0.81 -7.68 -4.51
HE2 BFC B . 1.84 -7.19 -5.90
HF1 BFC B . -1.23 -7.57 -5.99
HF2 BFC B . 0.01 -8.75 -6.55
HG1 BFC B . 0.88 -7.04 -8.18
HG2 BFC B . -0.49 -5.95 -7.75
HH1 BFC B . -0.82 -8.83 -8.83
HH2 BFC B . -0.78 -7.35 -9.87
HI1 BFC B . -2.82 -6.47 -8.80
HI2 BFC B . -2.83 -7.81 -7.61
HJ1 BFC B . -4.51 -8.22 -9.30
HJ2 BFC B . -3.22 -9.47 -9.43
HK1 BFC B . -2.29 -8.33 -11.44
HK2 BFC B . -3.42 -6.95 -11.21
HL1 BFC B . -4.15 -8.43 -13.03
HL2 BFC B . -5.36 -8.38 -11.70
HM1 BFC B . -4.62 -10.66 -10.94
HM2 BFC B . -3.34 -10.66 -12.20
HM3 BFC B . -5.07 -10.68 -12.68
N GLU A 1 2.62 -2.48 -2.11
CA GLU A 1 3.17 -1.16 -1.92
C GLU A 1 2.30 -0.65 -0.83
N LEU A 2 2.45 -1.29 0.35
CA LEU A 2 1.54 -1.15 1.45
C LEU A 2 1.80 0.18 2.08
N DLE A 3 0.75 1.01 2.19
CA DLE A 3 0.85 2.33 2.72
CB DLE A 3 -0.10 2.58 3.93
CG DLE A 3 0.10 1.58 5.10
CD1 DLE A 3 1.52 1.63 5.69
CD2 DLE A 3 -0.97 1.79 6.19
C DLE A 3 0.44 3.25 1.62
O DLE A 3 -0.18 4.28 1.84
H DLE A 3 -0.15 0.76 1.85
HA DLE A 3 1.88 2.57 2.97
HB2 DLE A 3 0.06 3.61 4.31
HB3 DLE A 3 -1.16 2.50 3.58
HG DLE A 3 -0.07 0.55 4.70
HD11 DLE A 3 1.60 0.91 6.53
HD12 DLE A 3 1.75 2.64 6.06
HD13 DLE A 3 2.28 1.35 4.93
HD21 DLE A 3 -1.99 1.72 5.76
HD22 DLE A 3 -0.86 2.80 6.64
HD23 DLE A 3 -0.86 1.04 7.00
N VAL A 4 0.80 2.87 0.37
CA VAL A 4 0.47 3.63 -0.79
C VAL A 4 -0.85 3.12 -1.26
N ASP A 5 -0.91 1.80 -1.51
CA ASP A 5 -2.15 1.18 -1.93
C ASP A 5 -2.79 0.62 -0.69
N DLE A 6 -2.07 -0.28 0.02
CA DLE A 6 -2.66 -1.04 1.09
CB DLE A 6 -2.26 -0.53 2.50
CG DLE A 6 -3.33 -0.70 3.62
CD1 DLE A 6 -4.56 0.21 3.39
CD2 DLE A 6 -3.74 -2.16 3.89
C DLE A 6 -2.20 -2.44 0.81
O DLE A 6 -1.70 -3.16 1.68
H DLE A 6 -1.15 -0.53 -0.28
HA DLE A 6 -3.74 -1.02 0.99
HB2 DLE A 6 -1.31 -1.02 2.83
HB3 DLE A 6 -2.06 0.55 2.43
HG DLE A 6 -2.84 -0.33 4.56
HD11 DLE A 6 -5.12 -0.12 2.48
HD12 DLE A 6 -4.24 1.25 3.24
HD13 DLE A 6 -5.23 0.16 4.26
HD21 DLE A 6 -4.42 -2.21 4.77
HD22 DLE A 6 -2.84 -2.78 4.10
HD23 DLE A 6 -4.27 -2.59 3.02
N LEU A 7 -2.33 -2.83 -0.46
CA LEU A 7 -1.76 -4.03 -1.03
C LEU A 7 -0.47 -3.54 -1.64
C BFC B . 3.34 -3.61 -2.04
O BFC B . 4.57 -3.59 -1.90
CA BFC B . 2.63 -4.95 -2.10
CB BFC B . 1.33 -4.96 -2.95
OB BFC B . 0.24 -4.43 -2.25
CC BFC B . 1.08 -6.43 -3.37
CD BFC B . 0.03 -6.59 -4.48
CE BFC B . -0.04 -7.99 -5.10
CF BFC B . 1.21 -8.37 -5.92
CG BFC B . 1.06 -9.63 -6.77
CH BFC B . 0.87 -10.92 -5.96
CI BFC B . 0.79 -12.18 -6.86
CJ BFC B . 0.68 -13.50 -6.08
CK BFC B . -0.65 -13.67 -5.33
CL BFC B . -0.77 -15.01 -4.57
CM BFC B . -0.77 -16.26 -5.46
HA1 BFC B . 2.41 -5.31 -1.07
HA2 BFC B . 3.36 -5.66 -2.56
HB BFC B . 1.50 -4.37 -3.89
HC1 BFC B . 0.77 -7.03 -2.47
HC2 BFC B . 2.03 -6.85 -3.74
HD1 BFC B . 0.25 -5.86 -5.29
HD2 BFC B . -0.97 -6.34 -4.07
HE1 BFC B . -0.91 -8.02 -5.79
HE2 BFC B . -0.21 -8.74 -4.31
HF1 BFC B . 2.08 -8.50 -5.24
HF2 BFC B . 1.44 -7.52 -6.60
HG1 BFC B . 1.97 -9.74 -7.40
HG2 BFC B . 0.19 -9.50 -7.46
HH1 BFC B . -0.06 -10.85 -5.36
HH2 BFC B . 1.73 -11.04 -5.27
HI1 BFC B . 1.71 -12.22 -7.48
HI2 BFC B . -0.08 -12.08 -7.55
HJ1 BFC B . 1.52 -13.58 -5.37
HJ2 BFC B . 0.77 -14.33 -6.82
HK1 BFC B . -1.50 -13.59 -6.04
HK2 BFC B . -0.76 -12.85 -4.58
HL1 BFC B . -1.72 -14.99 -3.98
HL2 BFC B . 0.07 -15.08 -3.84
HM1 BFC B . -1.60 -16.20 -6.20
HM2 BFC B . -0.92 -17.17 -4.83
HM3 BFC B . 0.19 -16.37 -5.99
N GLU A 1 2.61 -2.43 -2.04
CA GLU A 1 3.09 -1.10 -1.81
C GLU A 1 2.17 -0.63 -0.73
N LEU A 2 2.21 -1.37 0.39
CA LEU A 2 1.45 -1.13 1.58
C LEU A 2 1.94 0.16 2.17
N DLE A 3 1.02 1.13 2.39
CA DLE A 3 1.38 2.49 2.67
CB DLE A 3 0.88 3.04 4.03
CG DLE A 3 1.45 2.30 5.27
CD1 DLE A 3 2.99 2.34 5.36
CD2 DLE A 3 0.82 2.84 6.57
C DLE A 3 0.71 3.28 1.58
O DLE A 3 0.04 4.27 1.85
H DLE A 3 0.05 0.98 2.24
HA DLE A 3 2.44 2.63 2.56
HB2 DLE A 3 1.18 4.11 4.12
HB3 DLE A 3 -0.22 3.00 4.07
HG DLE A 3 1.15 1.23 5.18
HD11 DLE A 3 3.35 3.39 5.40
HD12 DLE A 3 3.44 1.84 4.48
HD13 DLE A 3 3.34 1.82 6.27
HD21 DLE A 3 -0.29 2.74 6.53
HD22 DLE A 3 1.07 3.91 6.71
HD23 DLE A 3 1.18 2.27 7.45
N VAL A 4 0.92 2.87 0.32
CA VAL A 4 0.44 3.58 -0.83
C VAL A 4 -0.93 3.05 -1.14
N ASP A 5 -1.00 1.76 -1.50
CA ASP A 5 -2.22 1.19 -2.01
C ASP A 5 -2.96 0.54 -0.89
N DLE A 6 -2.25 -0.29 -0.09
CA DLE A 6 -2.89 -1.08 0.94
CB DLE A 6 -2.55 -0.64 2.39
CG DLE A 6 -3.01 0.78 2.78
CD1 DLE A 6 -4.55 0.95 2.73
CD2 DLE A 6 -2.50 1.15 4.19
C DLE A 6 -2.35 -2.45 0.71
O DLE A 6 -1.87 -3.12 1.62
H DLE A 6 -1.29 -0.48 -0.28
HA DLE A 6 -3.96 -1.10 0.80
HB2 DLE A 6 -2.99 -1.37 3.10
HB3 DLE A 6 -1.44 -0.68 2.51
HG DLE A 6 -2.58 1.50 2.06
HD11 DLE A 6 -5.05 0.22 3.41
HD12 DLE A 6 -4.92 0.78 1.70
HD13 DLE A 6 -4.84 1.97 3.03
HD21 DLE A 6 -2.76 2.20 4.43
HD22 DLE A 6 -1.39 1.03 4.25
HD23 DLE A 6 -2.95 0.48 4.96
N LEU A 7 -2.41 -2.89 -0.57
CA LEU A 7 -1.74 -4.07 -1.04
C LEU A 7 -0.44 -3.53 -1.58
C BFC B . 3.41 -3.51 -2.08
O BFC B . 4.63 -3.41 -2.07
CA BFC B . 2.78 -4.88 -2.10
CB BFC B . 1.38 -5.04 -2.78
OB BFC B . 0.35 -4.40 -2.07
CC BFC B . 1.36 -4.59 -4.27
CD BFC B . 2.42 -5.25 -5.17
CE BFC B . 2.22 -4.93 -6.66
CF BFC B . 3.27 -5.58 -7.59
CG BFC B . 4.69 -4.97 -7.49
CH BFC B . 4.80 -3.53 -8.02
CI BFC B . 6.21 -2.94 -7.85
CJ BFC B . 6.34 -1.53 -8.47
CK BFC B . 7.69 -0.87 -8.17
CL BFC B . 7.85 0.49 -8.85
CM BFC B . 9.18 1.18 -8.56
HA1 BFC B . 2.69 -5.24 -1.04
HA2 BFC B . 3.49 -5.57 -2.60
HB BFC B . 1.17 -6.12 -2.77
HC1 BFC B . 1.50 -3.49 -4.33
HC2 BFC B . 0.35 -4.82 -4.69
HD1 BFC B . 2.36 -6.35 -5.03
HD2 BFC B . 3.43 -4.91 -4.85
HE1 BFC B . 2.21 -3.83 -6.81
HE2 BFC B . 1.22 -5.31 -6.97
HF1 BFC B . 2.93 -5.47 -8.65
HF2 BFC B . 3.33 -6.66 -7.36
HG1 BFC B . 5.38 -5.61 -8.08
HG2 BFC B . 5.02 -5.00 -6.42
HH1 BFC B . 4.08 -2.87 -7.47
HH2 BFC B . 4.52 -3.53 -9.10
HI1 BFC B . 6.95 -3.62 -8.34
HI2 BFC B . 6.45 -2.88 -6.77
HJ1 BFC B . 5.52 -0.89 -8.05
HJ2 BFC B . 6.19 -1.60 -9.56
HK1 BFC B . 8.50 -1.54 -8.51
HK2 BFC B . 7.79 -0.74 -7.07
HL1 BFC B . 7.02 1.16 -8.54
HL2 BFC B . 7.77 0.34 -9.96
HM1 BFC B . 9.28 1.38 -7.47
HM2 BFC B . 9.25 2.15 -9.10
HM3 BFC B . 10.03 0.54 -8.88
N GLU A 1 2.61 -2.30 -2.42
CA GLU A 1 3.21 -1.08 -1.95
C GLU A 1 2.27 -0.65 -0.86
N LEU A 2 2.33 -1.37 0.28
CA LEU A 2 1.46 -1.18 1.40
C LEU A 2 1.86 0.11 2.02
N DLE A 3 0.88 0.95 2.44
CA DLE A 3 1.17 2.30 2.85
CB DLE A 3 0.60 2.67 4.24
CG DLE A 3 1.00 1.71 5.39
CD1 DLE A 3 2.53 1.54 5.54
CD2 DLE A 3 0.35 2.13 6.71
C DLE A 3 0.55 3.17 1.80
O DLE A 3 -0.20 4.09 2.10
H DLE A 3 -0.07 0.71 2.41
HA DLE A 3 2.24 2.49 2.84
HB2 DLE A 3 0.95 3.70 4.50
HB3 DLE A 3 -0.51 2.70 4.19
HG DLE A 3 0.59 0.70 5.13
HD11 DLE A 3 2.75 0.85 6.38
HD12 DLE A 3 3.00 2.53 5.77
HD13 DLE A 3 2.98 1.13 4.62
HD21 DLE A 3 -0.75 2.19 6.59
HD22 DLE A 3 0.73 3.11 7.04
HD23 DLE A 3 0.57 1.38 7.51
N VAL A 4 0.87 2.88 0.53
CA VAL A 4 0.42 3.65 -0.59
C VAL A 4 -0.90 3.08 -1.04
N ASP A 5 -0.87 1.80 -1.47
CA ASP A 5 -2.00 1.19 -2.13
C ASP A 5 -2.81 0.41 -1.15
N DLE A 6 -2.22 0.07 0.02
CA DLE A 6 -2.87 -0.79 0.98
CB DLE A 6 -2.70 -0.35 2.46
CG DLE A 6 -3.21 1.09 2.78
CD1 DLE A 6 -4.66 1.34 2.32
CD2 DLE A 6 -3.05 1.39 4.28
C DLE A 6 -2.27 -2.15 0.81
O DLE A 6 -1.73 -2.74 1.73
H DLE A 6 -1.28 0.35 0.20
HA DLE A 6 -3.93 -0.86 0.76
HB2 DLE A 6 -3.27 -1.06 3.10
HB3 DLE A 6 -1.63 -0.42 2.76
HG DLE A 6 -2.56 1.81 2.22
HD11 DLE A 6 -4.97 2.36 2.61
HD12 DLE A 6 -5.35 0.60 2.79
HD13 DLE A 6 -4.76 1.25 1.22
HD21 DLE A 6 -3.74 0.76 4.88
HD22 DLE A 6 -3.29 2.46 4.48
HD23 DLE A 6 -2.02 1.18 4.62
N LEU A 7 -2.36 -2.68 -0.43
CA LEU A 7 -1.74 -3.90 -0.83
C LEU A 7 -0.43 -3.52 -1.46
C BFC B . 3.23 -3.49 -2.39
O BFC B . 4.39 -3.61 -2.00
CA BFC B . 2.47 -4.71 -2.82
CB BFC B . 1.57 -5.26 -1.68
OB BFC B . 0.41 -4.49 -1.53
CC BFC B . 1.21 -6.73 -1.95
CD BFC B . 0.37 -7.32 -0.81
CE BFC B . 0.14 -8.84 -0.88
CF BFC B . -0.95 -9.31 0.09
CG BFC B . -0.66 -9.01 1.56
CH BFC B . -1.83 -9.29 2.53
CI BFC B . -3.13 -8.51 2.23
CJ BFC B . -2.95 -6.99 2.08
CK BFC B . -4.26 -6.19 1.91
CL BFC B . -5.12 -6.65 0.71
CM BFC B . -6.29 -5.71 0.40
HA1 BFC B . 3.21 -5.49 -3.09
HA2 BFC B . 1.87 -4.49 -3.73
HB BFC B . 2.16 -5.23 -0.73
HC1 BFC B . 2.14 -7.32 -2.06
HC2 BFC B . 0.65 -6.81 -2.91
HD1 BFC B . -0.61 -6.82 -0.80
HD2 BFC B . 0.89 -7.10 0.15
HE1 BFC B . 1.09 -9.37 -0.69
HE2 BFC B . -0.19 -9.10 -1.92
HF1 BFC B . -1.08 -10.42 -0.03
HF2 BFC B . -1.90 -8.83 -0.22
HG1 BFC B . -0.36 -7.95 1.69
HG2 BFC B . 0.22 -9.63 1.89
HH1 BFC B . -1.50 -9.02 3.56
HH2 BFC B . -2.06 -10.37 2.52
HI1 BFC B . -3.85 -8.69 3.06
HI2 BFC B . -3.58 -8.91 1.30
HJ1 BFC B . -2.30 -6.78 1.19
HJ2 BFC B . -2.41 -6.59 2.97
HK1 BFC B . -4.00 -5.12 1.77
HK2 BFC B . -4.86 -6.28 2.84
HL1 BFC B . -5.51 -7.67 0.93
HL2 BFC B . -4.47 -6.72 -0.19
HM1 BFC B . -5.93 -4.70 0.14
HM2 BFC B . -6.96 -5.63 1.28
HM3 BFC B . -6.89 -6.11 -0.45
#